data_4P12
#
_entry.id   4P12
#
_cell.length_a   62.181
_cell.length_b   63.179
_cell.length_c   90.470
_cell.angle_alpha   99.51
_cell.angle_beta   97.89
_cell.angle_gamma   119.17
#
_symmetry.space_group_name_H-M   'P 1'
#
loop_
_entity.id
_entity.type
_entity.pdbx_description
1 polymer 'Major capsid protein'
2 water water
#
_entity_poly.entity_id   1
_entity_poly.type   'polypeptide(L)'
_entity_poly.pdbx_seq_one_letter_code
;EQKTRQLTVPNIPLNNLANSRVPAMINKMTVSTDQNQVVQFQNGRCTLEGQLLGTTPVSASQVARIRGKVFSTASGKGLN
LTELDGTPYHAFESPAPLGFPDIGACDWHVSTFKVDQNLSGDPMSRLDVKQNAPFAPHLGSIEFTSDQDPTGDQLGTLAW
VSPSTSGARVDPWKIPSYGSTVTESTHLAPPIFPPGFGEAIVYFMSDFPIVSGNTAQVPCTLPQEFVSHFVEQQAPVRGE
AALLHYVDPDTHRNLGEFKLYPDGFITCVPNTGGGPQNLPTNGVFVFSSWVSRYYQLKPVG
;
_entity_poly.pdbx_strand_id   A,B,C,D
#
# COMPACT_ATOMS: atom_id res chain seq x y z
N ARG A 5 6.19 6.38 34.48
CA ARG A 5 5.46 7.62 34.23
C ARG A 5 5.86 8.43 32.99
N GLN A 6 6.98 9.10 32.98
CA GLN A 6 7.34 9.95 31.84
C GLN A 6 8.21 9.28 30.78
N LEU A 7 7.82 9.44 29.51
CA LEU A 7 8.58 8.89 28.39
C LEU A 7 9.96 9.53 28.23
N THR A 8 10.96 8.68 28.05
CA THR A 8 12.29 9.11 27.63
C THR A 8 12.74 8.20 26.50
N VAL A 9 13.79 8.60 25.78
CA VAL A 9 14.47 7.68 24.88
C VAL A 9 15.89 7.50 25.40
N PRO A 10 16.56 6.41 25.00
CA PRO A 10 17.91 6.09 25.54
C PRO A 10 18.94 7.20 25.37
N ASN A 11 19.65 7.51 26.45
CA ASN A 11 20.78 8.44 26.42
C ASN A 11 22.01 7.71 25.90
N ILE A 12 21.95 7.32 24.64
CA ILE A 12 23.03 6.55 24.01
C ILE A 12 23.19 7.10 22.58
N PRO A 13 24.43 7.41 22.18
CA PRO A 13 24.65 7.97 20.83
C PRO A 13 24.37 6.96 19.75
N LEU A 14 24.06 7.45 18.54
CA LEU A 14 23.65 6.61 17.43
C LEU A 14 24.60 5.45 17.16
N ASN A 15 25.90 5.72 17.22
CA ASN A 15 26.92 4.71 16.90
C ASN A 15 27.05 3.60 17.92
N ASN A 16 26.43 3.79 19.09
CA ASN A 16 26.42 2.76 20.12
C ASN A 16 25.09 2.04 20.22
N LEU A 17 24.23 2.23 19.21
CA LEU A 17 22.95 1.52 19.16
C LEU A 17 23.00 0.35 18.20
N ALA A 18 22.33 -0.74 18.57
CA ALA A 18 22.31 -1.96 17.76
C ALA A 18 21.14 -1.98 16.79
N ASN A 19 21.36 -2.60 15.63
CA ASN A 19 20.27 -2.89 14.70
C ASN A 19 19.29 -3.88 15.30
N SER A 20 18.03 -3.73 14.95
CA SER A 20 16.98 -4.60 15.49
C SER A 20 16.60 -5.73 14.55
N ARG A 21 17.21 -5.78 13.37
CA ARG A 21 16.90 -6.82 12.37
C ARG A 21 18.07 -7.75 12.06
N VAL A 22 19.28 -7.29 12.34
CA VAL A 22 20.51 -8.12 12.24
C VAL A 22 21.43 -7.84 13.42
N PRO A 23 22.29 -8.80 13.78
CA PRO A 23 23.22 -8.58 14.90
C PRO A 23 24.38 -7.71 14.44
N ALA A 24 24.19 -6.40 14.56
CA ALA A 24 25.14 -5.44 14.05
C ALA A 24 24.88 -4.09 14.70
N MET A 25 25.83 -3.17 14.59
CA MET A 25 25.70 -1.85 15.21
C MET A 25 25.40 -0.75 14.19
N ILE A 26 24.39 0.08 14.48
CA ILE A 26 23.94 1.11 13.56
C ILE A 26 25.12 2.01 13.20
N ASN A 27 25.29 2.30 11.92
CA ASN A 27 26.34 3.23 11.51
C ASN A 27 25.89 4.47 10.75
N LYS A 28 24.61 4.52 10.40
CA LYS A 28 24.00 5.74 9.86
C LYS A 28 22.48 5.68 9.82
N MET A 29 21.88 6.84 9.59
CA MET A 29 20.45 6.96 9.34
C MET A 29 20.25 7.29 7.88
N THR A 30 19.09 6.96 7.34
CA THR A 30 18.74 7.43 6.00
C THR A 30 17.25 7.46 5.83
N VAL A 31 16.81 7.99 4.70
CA VAL A 31 15.41 7.90 4.28
C VAL A 31 15.33 7.06 3.01
N SER A 32 14.16 6.49 2.73
CA SER A 32 14.03 5.69 1.51
C SER A 32 13.99 6.57 0.25
N THR A 33 14.57 6.07 -0.84
CA THR A 33 14.61 6.80 -2.09
C THR A 33 13.18 7.09 -2.60
N ASP A 34 12.29 6.13 -2.42
CA ASP A 34 10.87 6.39 -2.59
C ASP A 34 10.33 6.72 -1.21
N GLN A 35 10.05 8.00 -0.95
CA GLN A 35 9.64 8.38 0.41
C GLN A 35 8.22 7.96 0.74
N ASN A 36 7.51 7.43 -0.25
CA ASN A 36 6.20 6.84 0.01
C ASN A 36 6.27 5.33 0.26
N GLN A 37 7.47 4.76 0.26
CA GLN A 37 7.60 3.32 0.47
C GLN A 37 7.06 2.89 1.83
N VAL A 38 6.23 1.85 1.81
CA VAL A 38 5.66 1.28 3.02
C VAL A 38 6.48 0.05 3.39
N VAL A 39 6.84 -0.08 4.67
CA VAL A 39 7.55 -1.28 5.12
C VAL A 39 6.73 -2.03 6.15
N GLN A 40 7.08 -3.28 6.41
CA GLN A 40 6.34 -4.11 7.37
C GLN A 40 7.28 -5.04 8.11
N PHE A 41 8.43 -4.50 8.52
CA PHE A 41 9.41 -5.28 9.30
C PHE A 41 8.73 -5.93 10.50
N GLN A 42 9.14 -7.14 10.84
CA GLN A 42 8.56 -7.87 11.96
C GLN A 42 9.42 -7.82 13.22
N ASN A 43 10.69 -7.50 13.04
CA ASN A 43 11.60 -7.22 14.16
C ASN A 43 11.82 -5.72 14.28
N GLY A 44 12.27 -5.28 15.45
CA GLY A 44 12.39 -3.86 15.72
C GLY A 44 11.06 -3.16 15.89
N ARG A 45 10.00 -3.90 16.21
CA ARG A 45 8.67 -3.34 16.34
C ARG A 45 8.19 -3.36 17.78
N CYS A 46 7.85 -2.18 18.29
CA CYS A 46 7.42 -2.01 19.68
C CYS A 46 6.68 -0.70 19.78
N THR A 47 5.54 -0.69 20.48
CA THR A 47 4.85 0.57 20.73
C THR A 47 5.55 1.39 21.80
N LEU A 48 5.28 2.69 21.83
CA LEU A 48 5.87 3.57 22.84
C LEU A 48 5.48 3.15 24.26
N GLU A 49 4.32 2.54 24.43
CA GLU A 49 3.90 2.05 25.74
C GLU A 49 4.64 0.76 26.14
N GLY A 50 5.42 0.21 25.22
CA GLY A 50 6.23 -0.95 25.57
C GLY A 50 5.64 -2.28 25.17
N GLN A 51 4.75 -2.27 24.20
CA GLN A 51 4.18 -3.50 23.67
C GLN A 51 4.97 -4.01 22.47
N LEU A 52 5.65 -5.14 22.65
CA LEU A 52 6.36 -5.78 21.53
C LEU A 52 5.37 -6.24 20.47
N LEU A 53 5.77 -6.06 19.20
CA LEU A 53 4.97 -6.48 18.06
C LEU A 53 5.74 -7.43 17.15
N GLY A 54 5.01 -8.23 16.37
CA GLY A 54 5.63 -9.15 15.44
C GLY A 54 6.48 -10.17 16.17
N THR A 55 7.70 -10.41 15.67
CA THR A 55 8.62 -11.36 16.31
C THR A 55 9.68 -10.67 17.18
N THR A 56 9.52 -9.36 17.37
CA THR A 56 10.51 -8.54 18.08
C THR A 56 10.82 -9.05 19.49
N PRO A 57 12.11 -9.34 19.76
CA PRO A 57 12.53 -9.72 21.10
C PRO A 57 13.05 -8.51 21.88
N VAL A 58 13.51 -8.72 23.11
CA VAL A 58 13.91 -7.60 23.95
C VAL A 58 15.39 -7.27 23.81
N SER A 59 16.24 -8.29 23.74
CA SER A 59 17.68 -8.05 23.70
C SER A 59 18.28 -8.11 22.30
N ALA A 60 19.34 -7.31 22.09
CA ALA A 60 20.08 -7.31 20.84
C ALA A 60 20.69 -8.69 20.53
N SER A 61 20.92 -9.50 21.56
CA SER A 61 21.45 -10.84 21.34
C SER A 61 20.38 -11.92 21.07
N GLN A 62 19.14 -11.48 20.83
CA GLN A 62 18.06 -12.37 20.37
C GLN A 62 17.71 -12.06 18.93
N VAL A 63 18.33 -11.00 18.39
CA VAL A 63 17.95 -10.51 17.08
C VAL A 63 18.46 -11.41 15.97
N ALA A 64 17.54 -11.87 15.12
CA ALA A 64 17.89 -12.71 13.96
C ALA A 64 18.59 -14.01 14.34
N ARG A 65 18.02 -14.69 15.32
CA ARG A 65 18.53 -15.97 15.76
C ARG A 65 17.45 -17.03 15.58
N ILE A 66 17.87 -18.28 15.50
CA ILE A 66 17.00 -19.43 15.29
C ILE A 66 17.41 -20.54 16.24
N ARG A 67 16.42 -21.25 16.80
CA ARG A 67 16.70 -22.45 17.56
C ARG A 67 15.66 -23.51 17.21
N GLY A 68 16.08 -24.77 17.12
CA GLY A 68 15.13 -25.85 16.90
C GLY A 68 15.78 -27.21 16.98
N LYS A 69 14.96 -28.26 16.85
CA LYS A 69 15.46 -29.63 16.88
C LYS A 69 15.54 -30.16 15.47
N VAL A 70 16.70 -30.71 15.10
CA VAL A 70 16.87 -31.29 13.77
C VAL A 70 16.01 -32.54 13.59
N PHE A 71 15.31 -32.60 12.46
CA PHE A 71 14.58 -33.80 12.06
C PHE A 71 14.92 -34.18 10.62
N SER A 72 14.73 -35.45 10.31
CA SER A 72 14.99 -35.98 8.98
C SER A 72 13.71 -36.41 8.29
N THR A 73 13.64 -36.20 6.98
CA THR A 73 12.51 -36.72 6.20
C THR A 73 13.10 -37.72 5.21
N ALA A 74 12.34 -38.11 4.19
CA ALA A 74 12.83 -39.13 3.26
C ALA A 74 13.70 -38.41 2.27
N SER A 75 13.39 -37.12 2.09
CA SER A 75 14.09 -36.28 1.13
C SER A 75 15.13 -35.34 1.76
N GLY A 76 15.10 -35.16 3.08
CA GLY A 76 16.10 -34.31 3.71
C GLY A 76 15.94 -33.93 5.17
N LYS A 77 16.28 -32.68 5.48
CA LYS A 77 16.32 -32.22 6.87
C LYS A 77 15.49 -30.98 7.15
N GLY A 78 15.15 -30.78 8.41
CA GLY A 78 14.50 -29.55 8.84
C GLY A 78 14.74 -29.28 10.31
N LEU A 79 14.26 -28.12 10.77
CA LEU A 79 14.26 -27.81 12.18
C LEU A 79 12.83 -27.67 12.64
N ASN A 80 12.51 -28.37 13.72
CA ASN A 80 11.25 -28.09 14.41
C ASN A 80 11.59 -27.00 15.42
N LEU A 81 11.10 -25.80 15.15
CA LEU A 81 11.52 -24.62 15.87
C LEU A 81 11.08 -24.61 17.32
N THR A 82 11.94 -24.04 18.16
CA THR A 82 11.56 -23.67 19.52
C THR A 82 11.82 -22.18 19.71
N GLU A 83 11.41 -21.64 20.85
CA GLU A 83 11.88 -20.32 21.24
C GLU A 83 13.38 -20.39 21.50
N LEU A 84 14.04 -19.25 21.58
CA LEU A 84 15.50 -19.22 21.68
C LEU A 84 16.04 -19.76 22.99
N ASP A 85 15.19 -19.85 24.01
CA ASP A 85 15.61 -20.45 25.28
C ASP A 85 15.35 -21.96 25.31
N GLY A 86 14.89 -22.50 24.19
CA GLY A 86 14.65 -23.94 24.11
C GLY A 86 13.26 -24.39 24.51
N THR A 87 12.44 -23.46 25.00
CA THR A 87 11.07 -23.80 25.39
C THR A 87 10.22 -23.91 24.12
N PRO A 88 9.08 -24.61 24.18
CA PRO A 88 8.28 -24.88 22.97
C PRO A 88 7.76 -23.66 22.23
N TYR A 89 7.85 -23.70 20.90
CA TYR A 89 7.18 -22.68 20.11
C TYR A 89 5.73 -23.14 19.87
N HIS A 90 4.77 -22.32 20.26
CA HIS A 90 3.39 -22.66 19.97
C HIS A 90 2.84 -21.62 19.03
N ALA A 91 2.31 -22.01 17.88
CA ALA A 91 1.69 -21.04 17.03
C ALA A 91 0.45 -20.45 17.71
N PHE A 92 0.45 -19.13 17.90
CA PHE A 92 -0.67 -18.49 18.59
C PHE A 92 -1.04 -17.10 18.06
N GLU A 93 -0.21 -16.12 18.39
CA GLU A 93 -0.38 -14.74 17.90
C GLU A 93 0.81 -14.13 17.12
N SER A 94 1.89 -14.89 16.96
CA SER A 94 3.12 -14.33 16.40
C SER A 94 3.61 -15.06 15.14
N PRO A 95 4.21 -14.32 14.21
CA PRO A 95 4.62 -14.91 12.96
C PRO A 95 5.56 -16.11 13.07
N ALA A 96 6.34 -16.11 14.13
CA ALA A 96 7.40 -17.10 14.25
C ALA A 96 7.93 -16.99 15.69
N PRO A 97 8.91 -17.84 16.07
CA PRO A 97 9.49 -17.63 17.40
C PRO A 97 10.09 -16.24 17.56
N LEU A 98 10.13 -15.73 18.78
CA LEU A 98 10.68 -14.40 19.00
C LEU A 98 12.14 -14.35 18.56
N GLY A 99 12.50 -13.27 17.86
CA GLY A 99 13.85 -13.08 17.34
C GLY A 99 14.11 -13.69 15.97
N PHE A 100 13.19 -14.51 15.48
CA PHE A 100 13.37 -15.17 14.18
C PHE A 100 13.65 -14.11 13.12
N PRO A 101 14.63 -14.38 12.21
CA PRO A 101 14.96 -13.35 11.21
C PRO A 101 13.76 -12.95 10.33
N ASP A 102 13.77 -11.70 9.89
CA ASP A 102 12.69 -11.18 9.03
C ASP A 102 13.19 -10.58 7.71
N ILE A 103 14.31 -11.11 7.21
CA ILE A 103 14.84 -10.64 5.93
C ILE A 103 14.21 -11.47 4.82
N GLY A 104 13.25 -10.89 4.11
CA GLY A 104 12.46 -11.69 3.19
C GLY A 104 13.06 -12.01 1.84
N ALA A 105 12.51 -13.04 1.20
CA ALA A 105 12.75 -13.34 -0.21
C ALA A 105 14.22 -13.51 -0.56
N CYS A 106 14.90 -14.33 0.22
CA CYS A 106 16.30 -14.64 0.00
C CYS A 106 16.66 -15.93 0.72
N ASP A 107 17.79 -16.52 0.34
CA ASP A 107 18.35 -17.63 1.10
C ASP A 107 19.02 -17.12 2.37
N TRP A 108 18.90 -17.87 3.45
CA TRP A 108 19.59 -17.54 4.68
C TRP A 108 20.69 -18.54 4.93
N HIS A 109 21.72 -18.07 5.62
CA HIS A 109 22.83 -18.94 6.03
C HIS A 109 23.04 -18.68 7.50
N VAL A 110 22.68 -19.69 8.30
CA VAL A 110 22.56 -19.52 9.74
C VAL A 110 23.57 -20.44 10.41
N SER A 111 24.44 -19.86 11.23
CA SER A 111 25.50 -20.63 11.88
C SER A 111 25.05 -21.08 13.26
N THR A 112 24.92 -22.39 13.43
CA THR A 112 24.37 -22.96 14.68
C THR A 112 25.36 -23.90 15.36
N PHE A 113 25.16 -24.10 16.66
CA PHE A 113 25.88 -25.12 17.40
C PHE A 113 24.89 -25.98 18.16
N LYS A 114 25.33 -27.18 18.54
CA LYS A 114 24.50 -28.09 19.33
C LYS A 114 24.61 -27.72 20.80
N VAL A 115 23.47 -27.38 21.41
CA VAL A 115 23.43 -26.98 22.82
C VAL A 115 23.51 -28.19 23.77
N GLN A 117 25.71 -30.20 24.32
CA GLN A 117 26.52 -31.27 23.76
C GLN A 117 27.96 -31.15 24.22
N ASN A 118 28.57 -32.29 24.57
CA ASN A 118 30.00 -32.30 24.87
C ASN A 118 30.75 -32.19 23.54
N LEU A 119 31.24 -30.99 23.24
CA LEU A 119 31.71 -30.71 21.89
C LEU A 119 33.14 -31.17 21.61
N SER A 120 33.32 -31.74 20.43
CA SER A 120 34.64 -32.05 19.89
C SER A 120 34.68 -31.72 18.41
N GLY A 121 35.85 -31.40 17.89
CA GLY A 121 35.93 -31.07 16.48
C GLY A 121 35.35 -29.70 16.25
N ASP A 122 34.93 -29.44 15.01
CA ASP A 122 34.27 -28.22 14.65
C ASP A 122 32.81 -28.27 15.10
N PRO A 123 32.41 -27.38 16.02
CA PRO A 123 31.04 -27.46 16.55
C PRO A 123 29.99 -26.76 15.71
N MET A 124 30.38 -26.03 14.66
CA MET A 124 29.44 -25.20 13.94
C MET A 124 28.86 -25.88 12.72
N SER A 125 27.58 -25.63 12.48
CA SER A 125 26.96 -26.04 11.22
C SER A 125 26.41 -24.81 10.56
N ARG A 126 26.57 -24.71 9.25
CA ARG A 126 25.93 -23.63 8.52
C ARG A 126 24.67 -24.21 7.88
N LEU A 127 23.53 -23.71 8.33
CA LEU A 127 22.23 -24.16 7.83
C LEU A 127 21.82 -23.24 6.71
N ASP A 128 21.62 -23.82 5.54
CA ASP A 128 21.26 -23.05 4.37
C ASP A 128 19.76 -23.20 4.14
N VAL A 129 19.04 -22.08 4.26
CA VAL A 129 17.58 -22.11 4.32
C VAL A 129 17.01 -21.33 3.15
N LYS A 130 16.10 -21.98 2.42
CA LYS A 130 15.44 -21.35 1.28
C LYS A 130 14.04 -20.94 1.71
N GLN A 131 13.58 -19.80 1.21
CA GLN A 131 12.24 -19.32 1.51
C GLN A 131 11.27 -19.79 0.44
N ASN A 132 11.18 -21.10 0.28
CA ASN A 132 10.23 -21.75 -0.62
C ASN A 132 9.11 -22.49 0.15
N ALA A 133 8.44 -23.44 -0.48
CA ALA A 133 7.25 -24.05 0.14
C ALA A 133 7.39 -24.61 1.57
N PRO A 134 8.47 -25.36 1.87
CA PRO A 134 8.62 -25.89 3.24
C PRO A 134 9.01 -24.84 4.29
N PHE A 135 9.19 -23.59 3.88
CA PHE A 135 9.51 -22.54 4.81
C PHE A 135 8.20 -22.16 5.49
N ALA A 136 7.97 -22.71 6.67
CA ALA A 136 6.71 -22.50 7.36
C ALA A 136 6.94 -22.20 8.82
N PRO A 137 7.65 -21.10 9.09
CA PRO A 137 8.01 -20.79 10.47
C PRO A 137 6.81 -20.50 11.36
N HIS A 138 5.72 -19.97 10.81
CA HIS A 138 4.56 -19.71 11.65
C HIS A 138 3.98 -20.99 12.23
N LEU A 139 3.99 -22.05 11.44
CA LEU A 139 3.49 -23.32 11.90
C LEU A 139 4.58 -24.04 12.72
N GLY A 140 5.82 -23.57 12.61
CA GLY A 140 6.88 -24.08 13.48
C GLY A 140 7.98 -24.94 12.90
N SER A 141 8.13 -24.99 11.57
CA SER A 141 9.27 -25.73 11.02
C SER A 141 9.80 -25.09 9.75
N ILE A 142 11.09 -25.28 9.52
CA ILE A 142 11.71 -24.87 8.27
C ILE A 142 12.57 -26.00 7.78
N GLU A 143 12.87 -26.02 6.50
CA GLU A 143 13.83 -27.01 6.03
C GLU A 143 15.15 -26.34 5.76
N PHE A 144 16.22 -27.13 5.80
CA PHE A 144 17.54 -26.59 5.51
C PHE A 144 18.37 -27.66 4.81
N THR A 145 19.42 -27.22 4.14
CA THR A 145 20.49 -28.12 3.75
C THR A 145 21.77 -27.64 4.44
N SER A 146 22.73 -28.54 4.61
CA SER A 146 23.98 -28.17 5.25
C SER A 146 25.12 -29.06 4.77
N ASP A 147 26.30 -28.47 4.61
CA ASP A 147 27.49 -29.24 4.28
C ASP A 147 28.09 -29.90 5.53
N GLN A 148 27.56 -29.54 6.69
CA GLN A 148 27.93 -30.20 7.95
C GLN A 148 26.86 -31.19 8.35
N ASP A 149 26.96 -31.71 9.56
CA ASP A 149 26.05 -32.76 10.03
C ASP A 149 25.36 -32.40 11.36
N PRO A 150 24.54 -31.34 11.37
CA PRO A 150 23.89 -30.91 12.61
C PRO A 150 22.84 -31.90 13.06
N THR A 151 22.78 -32.15 14.37
CA THR A 151 21.75 -33.01 14.96
C THR A 151 21.24 -32.38 16.25
N GLY A 152 20.08 -32.83 16.72
CA GLY A 152 19.58 -32.38 18.00
C GLY A 152 19.21 -30.91 18.09
N ASP A 153 19.46 -30.34 19.26
CA ASP A 153 19.06 -28.98 19.61
C ASP A 153 20.10 -28.00 19.09
N GLN A 154 19.79 -27.33 17.99
CA GLN A 154 20.72 -26.39 17.37
C GLN A 154 20.27 -24.96 17.66
N LEU A 155 21.21 -24.11 18.06
CA LEU A 155 20.96 -22.69 18.32
C LEU A 155 21.97 -21.87 17.54
N GLY A 156 21.50 -20.82 16.87
CA GLY A 156 22.43 -20.02 16.09
C GLY A 156 21.90 -18.69 15.60
N THR A 157 22.69 -18.07 14.73
CA THR A 157 22.49 -16.68 14.34
C THR A 157 22.61 -16.56 12.83
N LEU A 158 21.75 -15.74 12.25
CA LEU A 158 21.85 -15.43 10.84
C LEU A 158 23.25 -14.85 10.56
N ALA A 159 23.97 -15.50 9.65
CA ALA A 159 25.34 -15.11 9.33
C ALA A 159 25.43 -14.26 8.07
N TRP A 160 24.68 -14.65 7.04
CA TRP A 160 24.64 -13.93 5.78
C TRP A 160 23.44 -14.35 4.96
N VAL A 161 23.13 -13.57 3.93
CA VAL A 161 22.00 -13.87 3.05
C VAL A 161 22.43 -13.76 1.59
N SER A 162 21.69 -14.45 0.72
CA SER A 162 22.05 -14.51 -0.69
C SER A 162 20.77 -14.73 -1.51
N PRO A 163 20.85 -14.56 -2.84
CA PRO A 163 19.63 -14.63 -3.67
C PRO A 163 18.95 -15.99 -3.69
N SER A 164 17.62 -15.97 -3.84
CA SER A 164 16.84 -17.20 -3.86
C SER A 164 17.14 -18.01 -5.11
N THR A 165 17.44 -17.29 -6.19
CA THR A 165 17.80 -17.96 -7.46
C THR A 165 19.00 -17.25 -8.06
N SER A 166 19.74 -17.97 -8.91
CA SER A 166 20.88 -17.39 -9.61
C SER A 166 20.44 -16.22 -10.48
N GLY A 167 21.10 -15.08 -10.33
CA GLY A 167 20.75 -13.90 -11.12
C GLY A 167 19.84 -12.93 -10.38
N ALA A 168 19.22 -13.41 -9.32
CA ALA A 168 18.30 -12.59 -8.53
C ALA A 168 19.08 -11.69 -7.58
N ARG A 169 18.41 -10.73 -6.97
CA ARG A 169 19.08 -9.90 -5.98
C ARG A 169 18.40 -10.09 -4.64
N VAL A 170 19.13 -9.78 -3.58
CA VAL A 170 18.54 -9.72 -2.24
C VAL A 170 18.03 -8.30 -1.98
N ASP A 171 16.79 -8.19 -1.53
CA ASP A 171 16.20 -6.92 -1.13
C ASP A 171 15.86 -7.01 0.35
N PRO A 172 16.72 -6.43 1.20
CA PRO A 172 16.51 -6.60 2.64
C PRO A 172 15.37 -5.72 3.18
N TRP A 173 14.68 -5.00 2.31
CA TRP A 173 13.52 -4.22 2.74
C TRP A 173 12.23 -5.07 2.72
N LYS A 174 12.34 -6.30 2.22
CA LYS A 174 11.21 -7.23 2.20
C LYS A 174 11.18 -8.08 3.47
N ILE A 175 10.00 -8.61 3.79
CA ILE A 175 9.84 -9.58 4.88
C ILE A 175 9.44 -10.95 4.32
N PRO A 176 9.60 -12.01 5.13
CA PRO A 176 9.21 -13.34 4.67
C PRO A 176 7.71 -13.53 4.58
N SER A 177 7.31 -14.59 3.87
CA SER A 177 5.95 -15.11 3.98
C SER A 177 6.03 -16.23 4.99
N TYR A 178 5.46 -16.02 6.16
CA TYR A 178 5.64 -16.94 7.28
C TYR A 178 4.76 -18.16 7.23
N GLY A 179 3.78 -18.12 6.36
CA GLY A 179 2.76 -19.13 6.28
C GLY A 179 3.01 -20.18 5.23
N SER A 180 2.39 -21.31 5.41
CA SER A 180 2.55 -22.35 4.41
C SER A 180 1.55 -22.30 3.25
N THR A 181 0.41 -21.68 3.50
CA THR A 181 -0.65 -21.46 2.52
C THR A 181 -0.90 -19.95 2.49
N VAL A 182 -1.55 -19.49 1.44
CA VAL A 182 -1.84 -18.08 1.27
C VAL A 182 -2.81 -17.49 2.32
N THR A 183 -3.70 -18.30 2.85
CA THR A 183 -4.69 -17.82 3.81
C THR A 183 -4.42 -18.20 5.26
N GLU A 184 -3.18 -18.60 5.52
CA GLU A 184 -2.75 -18.79 6.88
C GLU A 184 -2.58 -17.40 7.50
N SER A 185 -3.25 -17.21 8.63
CA SER A 185 -3.11 -16.06 9.48
C SER A 185 -1.77 -16.17 10.21
N THR A 186 -0.91 -15.26 9.80
CA THR A 186 0.40 -15.26 10.47
C THR A 186 0.58 -14.16 11.53
N HIS A 187 -0.45 -13.34 11.78
CA HIS A 187 -0.39 -12.30 12.83
C HIS A 187 0.79 -11.32 12.75
N LEU A 188 0.96 -10.76 11.57
CA LEU A 188 2.01 -9.80 11.30
C LEU A 188 1.81 -8.48 12.04
N ALA A 189 2.91 -7.90 12.51
CA ALA A 189 2.89 -6.49 12.90
C ALA A 189 2.44 -5.71 11.67
N PRO A 190 1.63 -4.65 11.85
CA PRO A 190 1.04 -3.98 10.69
C PRO A 190 2.05 -3.16 9.86
N PRO A 191 1.67 -2.78 8.63
CA PRO A 191 2.58 -1.93 7.84
C PRO A 191 2.82 -0.57 8.49
N ILE A 192 3.98 0.02 8.21
CA ILE A 192 4.27 1.39 8.60
C ILE A 192 4.23 2.31 7.38
N PHE A 193 3.27 3.24 7.38
CA PHE A 193 3.10 4.25 6.33
C PHE A 193 3.77 5.56 6.72
N PRO A 194 4.50 6.18 5.78
CA PRO A 194 4.96 7.55 6.05
C PRO A 194 3.71 8.37 6.39
N PRO A 195 3.75 9.07 7.54
CA PRO A 195 2.51 9.61 8.10
C PRO A 195 2.07 11.01 7.66
N GLY A 196 2.54 11.53 6.53
CA GLY A 196 2.05 12.83 6.12
C GLY A 196 2.93 14.00 6.51
N PHE A 197 2.51 15.19 6.09
CA PHE A 197 3.15 16.46 6.47
C PHE A 197 4.61 16.51 6.04
N GLY A 198 4.88 15.91 4.87
CA GLY A 198 6.21 15.94 4.30
C GLY A 198 7.20 15.02 5.00
N GLU A 199 6.70 14.21 5.93
CA GLU A 199 7.57 13.34 6.71
C GLU A 199 8.00 12.07 6.00
N ALA A 200 9.21 11.64 6.34
CA ALA A 200 9.78 10.40 5.81
C ALA A 200 10.23 9.57 6.99
N ILE A 201 10.00 8.26 6.90
CA ILE A 201 10.43 7.32 7.91
C ILE A 201 11.96 7.29 7.98
N VAL A 202 12.48 7.33 9.21
CA VAL A 202 13.93 7.24 9.42
C VAL A 202 14.33 5.78 9.55
N TYR A 203 15.29 5.38 8.71
CA TYR A 203 15.80 4.03 8.75
C TYR A 203 17.21 4.02 9.32
N PHE A 204 17.43 3.09 10.24
CA PHE A 204 18.73 2.93 10.88
C PHE A 204 19.45 1.78 10.20
N MET A 205 20.64 2.06 9.63
CA MET A 205 21.32 1.12 8.74
C MET A 205 22.52 0.47 9.41
N SER A 206 22.77 -0.80 9.06
CA SER A 206 23.96 -1.49 9.53
C SER A 206 24.63 -2.20 8.38
N ASP A 207 25.95 -2.23 8.38
CA ASP A 207 26.69 -3.08 7.43
C ASP A 207 26.36 -4.54 7.77
N PHE A 208 26.18 -5.38 6.75
CA PHE A 208 25.89 -6.79 6.95
C PHE A 208 26.18 -7.54 5.68
N PRO A 209 26.67 -8.79 5.79
CA PRO A 209 27.01 -9.49 4.55
C PRO A 209 25.80 -9.96 3.73
N ILE A 210 25.49 -9.16 2.70
CA ILE A 210 24.42 -9.45 1.77
C ILE A 210 25.10 -9.70 0.44
N VAL A 211 24.98 -10.91 -0.06
CA VAL A 211 25.51 -11.27 -1.37
C VAL A 211 24.45 -10.90 -2.40
N SER A 212 24.85 -10.11 -3.39
CA SER A 212 23.97 -9.65 -4.45
C SER A 212 22.85 -8.76 -3.94
N GLY A 213 23.18 -7.82 -3.07
CA GLY A 213 22.22 -6.80 -2.72
C GLY A 213 22.72 -5.51 -3.32
N ASN A 214 21.85 -4.52 -3.42
CA ASN A 214 22.28 -3.26 -4.04
C ASN A 214 23.37 -2.62 -3.18
N THR A 215 23.16 -2.65 -1.86
CA THR A 215 24.24 -2.39 -0.90
C THR A 215 24.29 -3.52 0.13
N ALA A 216 25.42 -3.65 0.81
CA ALA A 216 25.52 -4.63 1.88
C ALA A 216 25.10 -3.98 3.20
N GLN A 217 23.85 -3.51 3.23
CA GLN A 217 23.31 -2.89 4.44
C GLN A 217 21.89 -3.36 4.70
N VAL A 218 21.50 -3.33 5.98
CA VAL A 218 20.17 -3.72 6.41
C VAL A 218 19.52 -2.58 7.17
N PRO A 219 18.30 -2.18 6.77
CA PRO A 219 17.59 -1.11 7.47
C PRO A 219 16.76 -1.64 8.63
N CYS A 220 16.56 -0.83 9.68
CA CYS A 220 15.52 -1.14 10.67
C CYS A 220 14.84 0.15 11.09
N THR A 221 13.71 0.03 11.78
CA THR A 221 12.92 1.23 12.10
C THR A 221 13.02 1.69 13.55
N LEU A 222 13.53 0.83 14.44
CA LEU A 222 13.89 1.28 15.78
C LEU A 222 15.20 0.63 16.19
N PRO A 223 16.12 1.41 16.77
CA PRO A 223 17.30 0.77 17.35
C PRO A 223 16.88 -0.24 18.41
N GLN A 224 17.63 -1.33 18.57
CA GLN A 224 17.19 -2.37 19.51
C GLN A 224 17.08 -1.84 20.93
N GLU A 225 18.02 -0.99 21.34
CA GLU A 225 17.99 -0.46 22.69
C GLU A 225 16.78 0.48 22.93
N PHE A 226 16.23 1.06 21.86
CA PHE A 226 14.98 1.81 21.97
C PHE A 226 13.85 0.85 22.31
N VAL A 227 13.83 -0.31 21.64
CA VAL A 227 12.81 -1.34 21.94
C VAL A 227 12.86 -1.75 23.40
N SER A 228 14.04 -2.12 23.88
CA SER A 228 14.12 -2.58 25.27
C SER A 228 13.80 -1.46 26.25
N HIS A 229 14.19 -0.24 25.91
CA HIS A 229 13.86 0.92 26.73
C HIS A 229 12.34 1.06 26.90
N PHE A 230 11.61 0.96 25.79
CA PHE A 230 10.15 1.09 25.86
C PHE A 230 9.52 -0.03 26.67
N VAL A 231 10.01 -1.25 26.47
CA VAL A 231 9.54 -2.40 27.25
C VAL A 231 9.74 -2.20 28.74
N GLU A 232 10.91 -1.69 29.11
CA GLU A 232 11.23 -1.46 30.52
C GLU A 232 10.38 -0.38 31.17
N GLN A 233 10.19 0.71 30.45
CA GLN A 233 9.56 1.93 30.99
CA GLN A 233 9.58 1.88 31.09
C GLN A 233 8.06 1.80 31.16
N GLN A 234 7.43 1.11 30.20
CA GLN A 234 5.96 1.01 30.14
C GLN A 234 5.31 2.38 30.33
N ALA A 235 5.81 3.38 29.61
CA ALA A 235 5.32 4.76 29.79
C ALA A 235 3.99 4.98 29.09
N PRO A 236 3.11 5.77 29.71
CA PRO A 236 1.86 6.17 29.06
C PRO A 236 2.12 7.15 27.94
N VAL A 237 1.35 7.03 26.86
CA VAL A 237 1.46 7.94 25.75
C VAL A 237 0.56 9.14 26.03
N ARG A 238 1.15 10.33 26.06
CA ARG A 238 0.42 11.54 26.49
C ARG A 238 0.15 12.52 25.37
N GLY A 239 0.39 12.09 24.14
CA GLY A 239 0.17 12.95 22.99
C GLY A 239 0.18 12.13 21.72
N GLU A 240 -0.08 12.78 20.60
CA GLU A 240 -0.15 12.07 19.32
C GLU A 240 1.22 11.71 18.76
N ALA A 241 2.25 12.45 19.16
CA ALA A 241 3.62 12.13 18.76
C ALA A 241 4.56 12.71 19.80
N ALA A 242 5.76 12.13 19.90
CA ALA A 242 6.78 12.65 20.80
C ALA A 242 7.83 13.36 19.94
N LEU A 243 7.99 14.65 20.17
CA LEU A 243 9.02 15.41 19.48
C LEU A 243 10.35 15.12 20.13
N LEU A 244 11.33 14.71 19.31
CA LEU A 244 12.70 14.45 19.76
C LEU A 244 13.65 15.45 19.14
N HIS A 245 14.73 15.74 19.85
CA HIS A 245 15.87 16.42 19.26
C HIS A 245 17.04 15.45 19.14
N TYR A 246 17.80 15.57 18.05
CA TYR A 246 19.01 14.78 17.88
C TYR A 246 20.15 15.72 18.24
N VAL A 247 20.82 15.44 19.34
CA VAL A 247 21.73 16.42 19.93
C VAL A 247 23.20 16.00 19.92
N ASP A 248 24.09 16.97 19.69
CA ASP A 248 25.52 16.77 19.84
C ASP A 248 25.85 16.64 21.31
N PRO A 249 26.44 15.50 21.69
CA PRO A 249 26.60 15.21 23.11
C PRO A 249 27.72 16.03 23.76
N ASP A 250 28.53 16.72 22.97
CA ASP A 250 29.58 17.57 23.52
C ASP A 250 29.18 19.05 23.64
N THR A 251 28.47 19.55 22.64
CA THR A 251 28.05 20.96 22.63
C THR A 251 26.61 21.11 23.10
N HIS A 252 25.88 19.99 23.10
CA HIS A 252 24.47 19.96 23.48
C HIS A 252 23.57 20.73 22.51
N ARG A 253 24.06 20.98 21.31
CA ARG A 253 23.25 21.64 20.30
C ARG A 253 22.28 20.69 19.64
N ASN A 254 21.09 21.21 19.38
CA ASN A 254 20.07 20.46 18.67
C ASN A 254 20.40 20.43 17.19
N LEU A 255 20.61 19.24 16.65
CA LEU A 255 21.00 19.11 15.25
C LEU A 255 19.80 18.84 14.35
N GLY A 256 18.65 18.56 14.96
CA GLY A 256 17.45 18.31 14.18
C GLY A 256 16.27 17.79 14.95
N GLU A 257 15.09 18.08 14.43
CA GLU A 257 13.81 17.64 15.02
C GLU A 257 13.34 16.36 14.37
N PHE A 258 12.82 15.45 15.20
CA PHE A 258 12.28 14.18 14.74
C PHE A 258 10.98 13.92 15.48
N LYS A 259 10.08 13.14 14.90
CA LYS A 259 8.86 12.73 15.59
C LYS A 259 8.89 11.24 15.84
N LEU A 260 8.59 10.86 17.08
CA LEU A 260 8.49 9.47 17.48
C LEU A 260 7.01 9.14 17.68
N TYR A 261 6.51 8.22 16.86
CA TYR A 261 5.06 7.94 16.88
C TYR A 261 4.70 6.79 17.81
N PRO A 262 3.49 6.85 18.39
CA PRO A 262 3.06 5.84 19.34
C PRO A 262 3.19 4.41 18.82
N ASP A 263 2.95 4.20 17.54
CA ASP A 263 3.05 2.87 16.96
C ASP A 263 4.48 2.35 16.89
N GLY A 264 5.46 3.22 17.16
CA GLY A 264 6.84 2.80 17.31
C GLY A 264 7.73 2.96 16.09
N PHE A 265 7.82 4.18 15.57
CA PHE A 265 8.75 4.50 14.48
C PHE A 265 9.08 5.98 14.54
N ILE A 266 10.11 6.40 13.80
CA ILE A 266 10.62 7.76 13.89
C ILE A 266 10.58 8.38 12.50
N THR A 267 10.21 9.66 12.43
CA THR A 267 10.23 10.36 11.14
C THR A 267 11.00 11.66 11.24
N CYS A 268 11.33 12.21 10.07
CA CYS A 268 11.85 13.57 9.95
C CYS A 268 11.26 14.14 8.67
N VAL A 269 11.54 15.42 8.41
CA VAL A 269 11.30 15.98 7.10
C VAL A 269 12.66 16.20 6.45
N PRO A 270 12.99 15.40 5.43
CA PRO A 270 14.31 15.56 4.82
C PRO A 270 14.34 16.73 3.86
N ASN A 271 15.43 17.49 3.90
CA ASN A 271 15.67 18.49 2.89
C ASN A 271 15.77 17.78 1.53
N THR A 272 15.33 18.45 0.46
CA THR A 272 15.37 17.85 -0.87
C THR A 272 16.77 17.39 -1.27
N GLY A 273 16.87 16.13 -1.69
CA GLY A 273 18.16 15.58 -2.10
C GLY A 273 19.04 15.20 -0.92
N GLY A 274 18.52 15.37 0.29
CA GLY A 274 19.28 15.05 1.48
C GLY A 274 18.45 14.37 2.55
N GLY A 275 18.75 14.66 3.82
CA GLY A 275 18.06 13.98 4.91
C GLY A 275 19.03 13.59 6.01
N PRO A 276 18.59 12.72 6.93
CA PRO A 276 19.37 12.41 8.14
C PRO A 276 20.67 11.68 7.83
N GLN A 277 20.81 11.16 6.61
CA GLN A 277 22.05 10.57 6.17
C GLN A 277 23.18 11.60 6.15
N ASN A 278 22.84 12.88 6.19
CA ASN A 278 23.84 13.95 6.18
C ASN A 278 24.19 14.48 7.57
N LEU A 279 23.55 13.94 8.60
CA LEU A 279 23.83 14.33 9.98
C LEU A 279 25.03 13.56 10.53
N PRO A 280 25.70 14.12 11.56
CA PRO A 280 26.75 13.37 12.22
C PRO A 280 26.17 12.11 12.86
N THR A 281 27.02 11.11 13.06
CA THR A 281 26.53 9.82 13.55
C THR A 281 26.85 9.60 15.02
N ASN A 282 27.19 10.67 15.74
CA ASN A 282 27.53 10.55 17.16
C ASN A 282 26.55 11.27 18.05
N GLY A 283 25.39 11.62 17.49
CA GLY A 283 24.36 12.34 18.22
C GLY A 283 23.49 11.46 19.10
N VAL A 284 22.80 12.09 20.04
CA VAL A 284 21.93 11.37 20.96
C VAL A 284 20.50 11.90 20.82
N PHE A 285 19.52 11.00 20.67
CA PHE A 285 18.13 11.45 20.65
C PHE A 285 17.67 11.76 22.07
N VAL A 286 16.94 12.85 22.22
CA VAL A 286 16.45 13.29 23.52
C VAL A 286 14.98 13.72 23.39
N PHE A 287 14.12 13.22 24.27
CA PHE A 287 12.73 13.64 24.30
C PHE A 287 12.60 15.14 24.58
N SER A 288 11.79 15.81 23.78
CA SER A 288 11.58 17.24 23.99
C SER A 288 10.20 17.54 24.56
N SER A 289 9.15 17.11 23.85
CA SER A 289 7.78 17.33 24.30
C SER A 289 6.79 16.48 23.53
N TRP A 290 5.58 16.34 24.07
CA TRP A 290 4.47 15.77 23.32
C TRP A 290 3.88 16.81 22.37
N VAL A 291 3.65 16.38 21.14
CA VAL A 291 3.14 17.23 20.07
C VAL A 291 2.06 16.57 19.19
N SER A 292 1.25 17.45 18.61
CA SER A 292 0.09 17.09 17.82
C SER A 292 0.50 16.39 16.53
N ARG A 293 -0.32 15.49 16.06
CA ARG A 293 0.14 14.56 15.08
C ARG A 293 0.55 15.50 13.99
N TYR A 294 0.10 16.74 14.12
CA TYR A 294 0.07 17.62 12.97
C TYR A 294 1.30 18.51 12.84
N TYR A 295 2.02 18.45 13.99
CA TYR A 295 3.19 19.28 14.23
C TYR A 295 4.13 19.22 13.02
N GLN A 296 4.47 20.38 12.47
CA GLN A 296 5.27 20.43 11.25
C GLN A 296 6.75 20.55 11.60
N LEU A 297 7.54 19.55 11.22
CA LEU A 297 8.96 19.51 11.59
C LEU A 297 9.81 20.43 10.72
N LYS A 298 10.86 20.98 11.31
CA LYS A 298 11.90 21.70 10.57
C LYS A 298 12.73 20.68 9.78
N PRO A 299 12.96 20.93 8.49
CA PRO A 299 13.73 19.96 7.69
C PRO A 299 15.17 19.74 8.16
N VAL A 300 15.66 18.52 7.94
CA VAL A 300 17.02 18.16 8.34
C VAL A 300 17.90 17.72 7.16
N GLY A 301 19.21 17.95 7.30
CA GLY A 301 20.18 17.35 6.40
C GLY A 301 20.19 17.90 4.99
N GLU B 1 4.41 -2.28 -20.49
CA GLU B 1 3.39 -2.80 -19.57
C GLU B 1 2.13 -3.28 -20.29
N GLN B 2 1.61 -2.46 -21.20
CA GLN B 2 0.37 -2.80 -21.90
C GLN B 2 0.47 -4.11 -22.67
N LYS B 3 1.66 -4.43 -23.18
CA LYS B 3 1.87 -5.62 -24.00
C LYS B 3 2.12 -6.88 -23.17
N THR B 4 2.17 -6.72 -21.85
CA THR B 4 2.30 -7.88 -20.97
C THR B 4 0.94 -8.25 -20.43
N ARG B 5 -0.06 -7.46 -20.83
CA ARG B 5 -1.42 -7.60 -20.34
C ARG B 5 -2.14 -8.83 -20.88
N GLN B 6 -3.10 -9.33 -20.10
CA GLN B 6 -3.95 -10.41 -20.54
C GLN B 6 -5.32 -9.81 -20.84
N LEU B 7 -5.80 -10.03 -22.05
CA LEU B 7 -7.03 -9.39 -22.51
C LEU B 7 -8.09 -9.57 -21.44
N THR B 8 -8.80 -8.48 -21.17
CA THR B 8 -10.01 -8.55 -20.36
C THR B 8 -11.11 -7.81 -21.08
N VAL B 9 -12.35 -8.09 -20.70
CA VAL B 9 -13.50 -7.30 -21.11
C VAL B 9 -14.13 -6.74 -19.83
N PRO B 10 -14.95 -5.69 -19.95
CA PRO B 10 -15.53 -5.04 -18.76
C PRO B 10 -16.27 -5.99 -17.82
N ASN B 11 -15.93 -5.92 -16.53
CA ASN B 11 -16.66 -6.65 -15.49
C ASN B 11 -17.93 -5.87 -15.12
N ILE B 12 -18.85 -5.77 -16.08
CA ILE B 12 -20.10 -5.02 -15.97
C ILE B 12 -21.22 -5.84 -16.62
N PRO B 13 -22.35 -6.01 -15.92
CA PRO B 13 -23.44 -6.80 -16.51
C PRO B 13 -24.08 -6.13 -17.71
N LEU B 14 -24.69 -6.92 -18.60
CA LEU B 14 -25.23 -6.42 -19.86
C LEU B 14 -26.14 -5.22 -19.69
N ASN B 15 -27.01 -5.27 -18.67
CA ASN B 15 -27.97 -4.19 -18.49
C ASN B 15 -27.37 -2.89 -17.96
N ASN B 16 -26.10 -2.91 -17.58
CA ASN B 16 -25.40 -1.69 -17.21
C ASN B 16 -24.44 -1.21 -18.30
N LEU B 17 -24.57 -1.79 -19.49
CA LEU B 17 -23.78 -1.35 -20.64
C LEU B 17 -24.59 -0.49 -21.60
N ALA B 18 -23.93 0.52 -22.17
CA ALA B 18 -24.58 1.47 -23.07
C ALA B 18 -24.49 1.06 -24.53
N ASN B 19 -25.53 1.41 -25.28
CA ASN B 19 -25.46 1.28 -26.73
C ASN B 19 -24.40 2.23 -27.29
N SER B 20 -23.71 1.80 -28.33
CA SER B 20 -22.66 2.62 -28.94
C SER B 20 -23.16 3.41 -30.16
N ARG B 21 -24.43 3.26 -30.51
CA ARG B 21 -24.99 3.95 -31.67
C ARG B 21 -26.12 4.93 -31.32
N VAL B 22 -26.74 4.73 -30.16
CA VAL B 22 -27.71 5.70 -29.63
C VAL B 22 -27.48 5.86 -28.13
N PRO B 23 -27.88 7.01 -27.58
CA PRO B 23 -27.72 7.21 -26.13
C PRO B 23 -28.80 6.47 -25.37
N ALA B 24 -28.51 5.21 -25.05
CA ALA B 24 -29.47 4.32 -24.45
C ALA B 24 -28.73 3.15 -23.83
N MET B 25 -29.40 2.39 -22.97
CA MET B 25 -28.77 1.25 -22.30
C MET B 25 -29.24 -0.09 -22.86
N ILE B 26 -28.28 -0.98 -23.14
CA ILE B 26 -28.59 -2.26 -23.81
C ILE B 26 -29.67 -3.00 -23.03
N ASN B 27 -30.68 -3.50 -23.74
CA ASN B 27 -31.64 -4.31 -23.00
C ASN B 27 -31.80 -5.75 -23.47
N LYS B 28 -31.14 -6.10 -24.57
CA LYS B 28 -31.08 -7.50 -24.98
C LYS B 28 -30.03 -7.69 -26.06
N MET B 29 -29.69 -8.96 -26.30
CA MET B 29 -28.85 -9.37 -27.41
C MET B 29 -29.76 -10.02 -28.41
N THR B 30 -29.38 -10.01 -29.67
CA THR B 30 -30.10 -10.78 -30.68
C THR B 30 -29.18 -11.12 -31.82
N VAL B 31 -29.67 -11.96 -32.71
CA VAL B 31 -28.98 -12.21 -33.96
C VAL B 31 -29.87 -11.72 -35.08
N SER B 32 -29.28 -11.43 -36.23
CA SER B 32 -30.06 -10.95 -37.36
C SER B 32 -30.91 -12.07 -37.96
N THR B 33 -32.08 -11.71 -38.48
CA THR B 33 -33.01 -12.68 -39.04
C THR B 33 -32.35 -13.47 -40.16
N ASP B 34 -31.62 -12.75 -41.02
CA ASP B 34 -30.72 -13.36 -41.97
C ASP B 34 -29.33 -13.33 -41.37
N GLN B 35 -28.82 -14.48 -40.97
CA GLN B 35 -27.54 -14.57 -40.26
C GLN B 35 -26.32 -14.32 -41.15
N ASN B 36 -26.56 -14.16 -42.45
CA ASN B 36 -25.50 -13.72 -43.37
C ASN B 36 -25.48 -12.21 -43.58
N GLN B 37 -26.39 -11.49 -42.91
CA GLN B 37 -26.46 -10.04 -43.12
C GLN B 37 -25.17 -9.33 -42.76
N VAL B 38 -24.71 -8.47 -43.66
CA VAL B 38 -23.51 -7.68 -43.47
C VAL B 38 -23.87 -6.31 -42.94
N VAL B 39 -23.15 -5.85 -41.93
CA VAL B 39 -23.34 -4.49 -41.41
C VAL B 39 -22.08 -3.66 -41.56
N GLN B 40 -22.21 -2.33 -41.46
CA GLN B 40 -21.08 -1.43 -41.61
C GLN B 40 -21.25 -0.21 -40.70
N PHE B 41 -21.71 -0.47 -39.49
CA PHE B 41 -21.87 0.60 -38.51
C PHE B 41 -20.58 1.42 -38.40
N GLN B 42 -20.72 2.72 -38.22
CA GLN B 42 -19.55 3.60 -38.12
C GLN B 42 -19.25 3.99 -36.68
N ASN B 43 -20.24 3.83 -35.80
CA ASN B 43 -20.02 3.96 -34.35
C ASN B 43 -20.01 2.59 -33.71
N GLY B 44 -19.44 2.52 -32.50
CA GLY B 44 -19.27 1.23 -31.83
C GLY B 44 -18.19 0.38 -32.48
N ARG B 45 -17.26 1.02 -33.20
CA ARG B 45 -16.21 0.28 -33.92
C ARG B 45 -14.83 0.52 -33.30
N CYS B 46 -14.20 -0.56 -32.88
CA CYS B 46 -12.90 -0.47 -32.23
C CYS B 46 -12.28 -1.85 -32.27
N THR B 47 -11.00 -1.94 -32.64
CA THR B 47 -10.24 -3.21 -32.64
C THR B 47 -9.88 -3.64 -31.21
N LEU B 48 -9.62 -4.95 -30.99
CA LEU B 48 -9.37 -5.35 -29.61
C LEU B 48 -8.12 -4.70 -29.04
N GLU B 49 -7.21 -4.35 -29.91
CA GLU B 49 -6.00 -3.64 -29.51
C GLU B 49 -6.24 -2.18 -29.13
N GLY B 50 -7.45 -1.69 -29.37
CA GLY B 50 -7.81 -0.35 -28.95
C GLY B 50 -7.72 0.73 -30.01
N GLN B 51 -7.82 0.34 -31.29
CA GLN B 51 -7.86 1.29 -32.41
C GLN B 51 -9.31 1.64 -32.77
N LEU B 52 -9.69 2.88 -32.49
CA LEU B 52 -11.00 3.39 -32.89
C LEU B 52 -11.13 3.43 -34.40
N LEU B 53 -12.31 3.05 -34.89
CA LEU B 53 -12.60 3.09 -36.33
C LEU B 53 -13.85 3.94 -36.60
N GLY B 54 -13.97 4.40 -37.85
CA GLY B 54 -15.14 5.18 -38.22
C GLY B 54 -15.25 6.48 -37.43
N THR B 55 -16.44 6.77 -36.94
CA THR B 55 -16.68 7.99 -36.14
C THR B 55 -16.75 7.69 -34.64
N THR B 56 -16.42 6.46 -34.26
CA THR B 56 -16.54 6.00 -32.88
C THR B 56 -15.81 6.88 -31.86
N PRO B 57 -16.53 7.42 -30.86
CA PRO B 57 -15.89 8.16 -29.78
C PRO B 57 -15.63 7.25 -28.58
N VAL B 58 -15.08 7.81 -27.52
CA VAL B 58 -14.67 7.03 -26.36
C VAL B 58 -15.79 6.94 -25.32
N SER B 59 -16.51 8.02 -25.09
CA SER B 59 -17.53 8.04 -24.03
C SER B 59 -18.95 7.80 -24.53
N ALA B 60 -19.76 7.15 -23.69
CA ALA B 60 -21.17 6.95 -24.01
C ALA B 60 -21.90 8.27 -24.18
N SER B 61 -21.40 9.32 -23.56
CA SER B 61 -22.01 10.65 -23.67
C SER B 61 -21.52 11.46 -24.86
N GLN B 62 -20.78 10.80 -25.76
CA GLN B 62 -20.42 11.39 -27.05
C GLN B 62 -21.19 10.69 -28.17
N VAL B 63 -21.95 9.64 -27.83
CA VAL B 63 -22.61 8.82 -28.86
C VAL B 63 -23.86 9.48 -29.47
N ALA B 64 -23.85 9.63 -30.80
CA ALA B 64 -24.97 10.21 -31.55
C ALA B 64 -25.27 11.64 -31.15
N ARG B 65 -24.21 12.45 -31.07
CA ARG B 65 -24.34 13.86 -30.78
C ARG B 65 -23.78 14.66 -31.94
N ILE B 66 -24.24 15.90 -32.05
CA ILE B 66 -23.83 16.79 -33.14
C ILE B 66 -23.53 18.17 -32.54
N ARG B 67 -22.46 18.80 -33.04
CA ARG B 67 -22.17 20.18 -32.68
C ARG B 67 -21.75 20.95 -33.92
N GLY B 68 -22.17 22.20 -34.03
CA GLY B 68 -21.70 23.02 -35.14
C GLY B 68 -22.18 24.44 -35.00
N LYS B 69 -21.74 25.29 -35.93
CA LYS B 69 -22.18 26.68 -35.92
C LYS B 69 -23.29 26.85 -36.94
N VAL B 70 -24.38 27.46 -36.53
CA VAL B 70 -25.48 27.67 -37.44
C VAL B 70 -25.11 28.63 -38.57
N PHE B 71 -25.51 28.30 -39.78
CA PHE B 71 -25.50 29.21 -40.89
C PHE B 71 -26.92 29.36 -41.38
N SER B 72 -27.36 30.60 -41.45
CA SER B 72 -28.70 30.92 -41.87
C SER B 72 -28.58 31.95 -42.98
N THR B 73 -29.22 31.67 -44.10
CA THR B 73 -29.22 32.64 -45.18
C THR B 73 -30.50 32.54 -46.01
N GLY B 76 -31.90 28.42 -46.91
CA GLY B 76 -32.31 27.70 -45.72
C GLY B 76 -31.32 27.86 -44.59
N LYS B 77 -31.22 26.82 -43.75
CA LYS B 77 -30.30 26.85 -42.61
C LYS B 77 -29.51 25.54 -42.51
N GLY B 78 -28.34 25.62 -41.89
CA GLY B 78 -27.49 24.45 -41.73
C GLY B 78 -26.55 24.56 -40.54
N LEU B 79 -25.77 23.51 -40.32
CA LEU B 79 -24.68 23.58 -39.34
C LEU B 79 -23.36 23.40 -40.05
N ASN B 80 -22.42 24.28 -39.77
CA ASN B 80 -21.04 24.02 -40.13
C ASN B 80 -20.45 23.25 -38.97
N LEU B 81 -20.24 21.96 -39.18
CA LEU B 81 -19.93 21.04 -38.08
C LEU B 81 -18.58 21.29 -37.44
N THR B 82 -18.54 21.07 -36.13
CA THR B 82 -17.27 20.97 -35.40
C THR B 82 -17.22 19.63 -34.66
N GLU B 83 -16.10 19.34 -34.03
CA GLU B 83 -16.07 18.25 -33.07
C GLU B 83 -16.93 18.62 -31.85
N LEU B 84 -17.26 17.64 -31.03
CA LEU B 84 -18.20 17.86 -29.93
C LEU B 84 -17.67 18.78 -28.84
N ASP B 85 -16.37 18.97 -28.80
CA ASP B 85 -15.77 19.93 -27.87
C ASP B 85 -15.61 21.34 -28.47
N GLY B 86 -16.12 21.51 -29.68
CA GLY B 86 -16.10 22.81 -30.35
C GLY B 86 -14.88 23.07 -31.20
N THR B 87 -13.90 22.17 -31.16
CA THR B 87 -12.68 22.31 -31.96
C THR B 87 -12.98 21.94 -33.42
N PRO B 88 -12.13 22.42 -34.36
CA PRO B 88 -12.45 22.22 -35.78
C PRO B 88 -12.57 20.77 -36.24
N TYR B 89 -13.58 20.51 -37.07
CA TYR B 89 -13.70 19.23 -37.76
C TYR B 89 -12.81 19.26 -39.01
N HIS B 90 -11.94 18.26 -39.13
CA HIS B 90 -11.06 18.09 -40.29
C HIS B 90 -11.49 16.97 -41.25
N ALA B 91 -11.98 17.31 -42.44
CA ALA B 91 -12.28 16.30 -43.45
C ALA B 91 -11.01 15.61 -43.95
N SER B 94 -11.89 11.01 -41.29
CA SER B 94 -13.06 10.36 -40.71
C SER B 94 -14.31 10.71 -41.51
N PRO B 95 -15.34 9.85 -41.43
CA PRO B 95 -16.57 10.11 -42.20
C PRO B 95 -17.31 11.37 -41.77
N ALA B 96 -17.15 11.77 -40.51
CA ALA B 96 -17.88 12.89 -39.92
C ALA B 96 -17.18 13.16 -38.57
N PRO B 97 -17.62 14.19 -37.83
CA PRO B 97 -17.03 14.38 -36.50
C PRO B 97 -17.23 13.16 -35.58
N LEU B 98 -16.33 12.97 -34.63
CA LEU B 98 -16.48 11.83 -33.73
C LEU B 98 -17.80 11.92 -32.98
N GLY B 99 -18.47 10.79 -32.88
CA GLY B 99 -19.76 10.72 -32.21
C GLY B 99 -20.96 11.00 -33.10
N PHE B 100 -20.74 11.52 -34.30
CA PHE B 100 -21.81 11.88 -35.22
C PHE B 100 -22.71 10.66 -35.45
N PRO B 101 -24.05 10.85 -35.45
CA PRO B 101 -24.93 9.68 -35.59
C PRO B 101 -24.69 8.88 -36.89
N ASP B 102 -24.92 7.57 -36.82
CA ASP B 102 -24.75 6.70 -37.98
C ASP B 102 -26.00 5.89 -38.31
N ILE B 103 -27.16 6.44 -37.97
CA ILE B 103 -28.42 5.76 -38.27
C ILE B 103 -28.84 6.18 -39.67
N GLY B 104 -28.67 5.29 -40.63
CA GLY B 104 -28.85 5.68 -42.02
C GLY B 104 -30.27 5.76 -42.54
N ALA B 105 -30.42 6.47 -43.65
CA ALA B 105 -31.64 6.44 -44.45
C ALA B 105 -32.90 6.78 -43.66
N CYS B 106 -32.84 7.90 -42.94
CA CYS B 106 -33.99 8.40 -42.19
C CYS B 106 -33.84 9.87 -41.88
N ASP B 107 -34.94 10.53 -41.56
CA ASP B 107 -34.86 11.87 -40.99
C ASP B 107 -34.40 11.77 -39.55
N TRP B 108 -33.58 12.74 -39.14
CA TRP B 108 -33.14 12.85 -37.77
C TRP B 108 -33.78 14.06 -37.12
N HIS B 109 -33.99 13.97 -35.82
CA HIS B 109 -34.51 15.07 -35.03
C HIS B 109 -33.59 15.22 -33.84
N VAL B 110 -32.84 16.32 -33.83
CA VAL B 110 -31.70 16.49 -32.93
C VAL B 110 -31.99 17.65 -32.04
N SER B 111 -31.97 17.42 -30.73
CA SER B 111 -32.30 18.46 -29.77
C SER B 111 -31.05 19.16 -29.30
N THR B 112 -30.93 20.46 -29.63
CA THR B 112 -29.71 21.22 -29.34
C THR B 112 -29.95 22.43 -28.46
N PHE B 113 -28.89 22.90 -27.82
CA PHE B 113 -28.91 24.18 -27.11
C PHE B 113 -27.73 25.04 -27.55
N LYS B 114 -27.85 26.35 -27.33
CA LYS B 114 -26.74 27.25 -27.66
C LYS B 114 -25.72 27.25 -26.52
N VAL B 115 -24.51 26.83 -26.83
CA VAL B 115 -23.46 26.80 -25.83
C VAL B 115 -23.00 28.23 -25.57
N ASP B 116 -22.68 28.51 -24.32
CA ASP B 116 -22.17 29.82 -23.94
C ASP B 116 -23.17 30.96 -24.18
N GLN B 117 -24.41 30.56 -24.27
CA GLN B 117 -25.50 31.54 -24.32
C GLN B 117 -26.09 31.73 -22.94
N ASN B 118 -26.36 32.95 -22.62
CA ASN B 118 -27.16 33.19 -21.42
C ASN B 118 -28.62 32.95 -21.79
N LEU B 119 -29.08 31.81 -21.27
CA LEU B 119 -30.34 31.26 -21.74
C LEU B 119 -31.53 31.83 -21.01
N SER B 120 -32.58 32.12 -21.77
CA SER B 120 -33.86 32.50 -21.19
C SER B 120 -34.99 31.88 -21.99
N GLY B 121 -36.11 31.60 -21.33
CA GLY B 121 -37.18 30.98 -22.06
C GLY B 121 -36.82 29.54 -22.31
N ASP B 122 -37.39 28.97 -23.36
CA ASP B 122 -37.07 27.63 -23.77
C ASP B 122 -35.73 27.62 -24.52
N PRO B 123 -34.71 26.93 -23.97
CA PRO B 123 -33.37 26.95 -24.58
C PRO B 123 -33.19 25.95 -25.72
N MET B 124 -34.14 25.05 -25.94
CA MET B 124 -33.92 23.96 -26.87
C MET B 124 -34.44 24.25 -28.26
N SER B 125 -33.69 23.78 -29.26
CA SER B 125 -34.14 23.79 -30.65
C SER B 125 -34.14 22.35 -31.13
N ARG B 126 -35.16 21.98 -31.88
CA ARG B 126 -35.16 20.68 -32.51
C ARG B 126 -34.75 20.86 -33.96
N LEU B 127 -33.61 20.29 -34.33
CA LEU B 127 -33.13 20.40 -35.70
C LEU B 127 -33.61 19.19 -36.49
N ASP B 128 -34.37 19.45 -37.55
CA ASP B 128 -34.93 18.37 -38.34
C ASP B 128 -34.06 18.20 -39.59
N VAL B 129 -33.41 17.04 -39.69
CA VAL B 129 -32.36 16.84 -40.68
C VAL B 129 -32.75 15.73 -41.64
N LYS B 130 -32.66 16.02 -42.93
CA LYS B 130 -32.95 15.02 -43.95
C LYS B 130 -31.66 14.47 -44.55
N GLN B 131 -31.65 13.16 -44.83
CA GLN B 131 -30.50 12.57 -45.48
C GLN B 131 -30.69 12.58 -47.00
N ASN B 132 -30.83 13.78 -47.54
CA ASN B 132 -30.87 14.02 -48.99
C ASN B 132 -29.59 14.76 -49.45
N ALA B 133 -29.63 15.43 -50.60
CA ALA B 133 -28.40 15.98 -51.21
C ALA B 133 -27.50 16.89 -50.33
N PRO B 134 -28.10 17.88 -49.62
CA PRO B 134 -27.20 18.72 -48.81
C PRO B 134 -26.64 18.01 -47.58
N PHE B 135 -27.03 16.76 -47.36
CA PHE B 135 -26.50 16.00 -46.25
C PHE B 135 -25.10 15.55 -46.67
N ALA B 136 -24.08 16.30 -46.24
CA ALA B 136 -22.71 16.00 -46.62
C ALA B 136 -21.80 16.20 -45.43
N PRO B 137 -22.02 15.41 -44.37
CA PRO B 137 -21.27 15.64 -43.13
C PRO B 137 -19.78 15.45 -43.34
N HIS B 138 -19.40 14.63 -44.31
CA HIS B 138 -17.97 14.43 -44.53
C HIS B 138 -17.30 15.72 -44.99
N LEU B 139 -18.02 16.52 -45.76
CA LEU B 139 -17.48 17.80 -46.23
C LEU B 139 -17.59 18.88 -45.16
N GLY B 140 -18.34 18.60 -44.11
CA GLY B 140 -18.37 19.46 -42.93
C GLY B 140 -19.63 20.25 -42.68
N SER B 141 -20.70 19.95 -43.41
CA SER B 141 -21.97 20.63 -43.17
C SER B 141 -23.18 19.75 -43.38
N ILE B 142 -24.24 20.05 -42.67
CA ILE B 142 -25.55 19.45 -42.92
C ILE B 142 -26.56 20.58 -42.93
N GLU B 143 -27.71 20.35 -43.56
CA GLU B 143 -28.78 21.33 -43.49
C GLU B 143 -29.88 20.85 -42.56
N PHE B 144 -30.67 21.79 -42.07
CA PHE B 144 -31.82 21.43 -41.24
C PHE B 144 -32.98 22.41 -41.45
N THR B 145 -34.16 21.98 -41.04
CA THR B 145 -35.26 22.90 -40.80
C THR B 145 -35.57 22.82 -39.32
N SER B 146 -36.17 23.88 -38.80
CA SER B 146 -36.54 23.93 -37.38
C SER B 146 -37.68 24.89 -37.16
N ASP B 147 -38.56 24.54 -36.24
CA ASP B 147 -39.62 25.44 -35.85
C ASP B 147 -39.12 26.49 -34.85
N GLN B 148 -37.91 26.30 -34.34
CA GLN B 148 -37.28 27.29 -33.48
C GLN B 148 -36.30 28.12 -34.34
N ASP B 149 -35.55 29.01 -33.70
CA ASP B 149 -34.62 29.86 -34.45
C ASP B 149 -33.21 29.81 -33.83
N PRO B 150 -32.55 28.64 -33.89
CA PRO B 150 -31.22 28.47 -33.30
C PRO B 150 -30.16 29.33 -34.01
N THR B 151 -29.22 29.85 -33.24
CA THR B 151 -28.10 30.60 -33.80
C THR B 151 -26.82 30.19 -33.11
N GLY B 152 -25.69 30.52 -33.72
CA GLY B 152 -24.40 30.28 -33.11
C GLY B 152 -24.02 28.81 -32.92
N ASP B 153 -23.31 28.55 -31.83
CA ASP B 153 -22.71 27.26 -31.52
C ASP B 153 -23.75 26.36 -30.87
N GLN B 154 -24.29 25.41 -31.64
CA GLN B 154 -25.33 24.51 -31.13
C GLN B 154 -24.75 23.13 -30.84
N LEU B 155 -25.08 22.59 -29.66
CA LEU B 155 -24.64 21.25 -29.30
C LEU B 155 -25.86 20.43 -28.90
N GLY B 156 -25.95 19.21 -29.40
CA GLY B 156 -27.12 18.42 -29.04
C GLY B 156 -27.04 16.94 -29.34
N THR B 157 -28.17 16.27 -29.16
CA THR B 157 -28.21 14.82 -29.15
C THR B 157 -29.34 14.36 -30.06
N LEU B 158 -29.10 13.29 -30.81
CA LEU B 158 -30.18 12.67 -31.58
C LEU B 158 -31.29 12.24 -30.65
N ALA B 159 -32.49 12.76 -30.89
CA ALA B 159 -33.64 12.51 -30.04
C ALA B 159 -34.55 11.41 -30.58
N TRP B 160 -34.79 11.42 -31.89
CA TRP B 160 -35.64 10.41 -32.51
C TRP B 160 -35.44 10.44 -34.00
N VAL B 161 -35.91 9.39 -34.67
CA VAL B 161 -35.75 9.28 -36.12
C VAL B 161 -37.08 8.93 -36.75
N SER B 162 -37.22 9.24 -38.04
CA SER B 162 -38.50 9.05 -38.70
C SER B 162 -38.25 8.80 -40.20
N PRO B 163 -39.29 8.38 -40.94
CA PRO B 163 -39.05 8.02 -42.34
C PRO B 163 -38.62 9.18 -43.24
N SER B 164 -37.77 8.88 -44.22
CA SER B 164 -37.29 9.90 -45.17
C SER B 164 -38.38 10.39 -46.11
N THR B 165 -39.29 9.49 -46.48
CA THR B 165 -40.40 9.84 -47.34
C THR B 165 -41.63 9.23 -46.74
N SER B 166 -42.77 9.78 -47.11
CA SER B 166 -44.04 9.27 -46.67
C SER B 166 -44.19 7.83 -47.14
N GLY B 167 -44.45 6.94 -46.19
CA GLY B 167 -44.60 5.54 -46.52
C GLY B 167 -43.35 4.71 -46.33
N ALA B 168 -42.19 5.36 -46.17
CA ALA B 168 -40.98 4.57 -46.00
C ALA B 168 -40.89 4.03 -44.59
N ARG B 169 -40.03 3.06 -44.37
CA ARG B 169 -39.83 2.58 -43.03
C ARG B 169 -38.40 2.88 -42.64
N VAL B 170 -38.17 3.10 -41.35
CA VAL B 170 -36.82 3.31 -40.88
C VAL B 170 -36.19 1.97 -40.61
N ASP B 171 -34.99 1.78 -41.15
CA ASP B 171 -34.19 0.59 -40.89
C ASP B 171 -32.90 1.04 -40.22
N PRO B 172 -32.83 0.86 -38.89
CA PRO B 172 -31.66 1.36 -38.17
C PRO B 172 -30.40 0.50 -38.36
N TRP B 173 -30.47 -0.52 -39.19
CA TRP B 173 -29.32 -1.35 -39.52
C TRP B 173 -28.52 -0.72 -40.67
N LYS B 174 -29.06 0.34 -41.25
CA LYS B 174 -28.40 1.08 -42.33
C LYS B 174 -27.51 2.18 -41.77
N ILE B 175 -26.53 2.61 -42.57
CA ILE B 175 -25.69 3.76 -42.25
C ILE B 175 -25.89 4.89 -43.27
N PRO B 176 -25.48 6.12 -42.91
CA PRO B 176 -25.65 7.21 -43.86
C PRO B 176 -24.69 7.13 -45.04
N SER B 177 -24.99 7.95 -46.06
CA SER B 177 -24.04 8.27 -47.11
C SER B 177 -23.41 9.62 -46.69
N TYR B 178 -22.14 9.58 -46.30
CA TYR B 178 -21.50 10.75 -45.69
C TYR B 178 -21.00 11.77 -46.70
N GLY B 179 -20.86 11.34 -47.95
CA GLY B 179 -20.34 12.19 -49.00
C GLY B 179 -21.41 12.66 -49.95
N THR B 186 -15.15 8.13 -48.03
CA THR B 186 -15.25 8.90 -46.80
C THR B 186 -14.63 8.18 -45.60
N HIS B 187 -13.54 7.44 -45.86
CA HIS B 187 -12.80 6.74 -44.81
C HIS B 187 -13.68 5.94 -43.84
N LEU B 188 -14.60 5.16 -44.39
CA LEU B 188 -15.49 4.33 -43.60
C LEU B 188 -14.81 3.16 -42.88
N ALA B 189 -15.25 2.89 -41.65
CA ALA B 189 -14.94 1.60 -41.02
C ALA B 189 -15.47 0.54 -41.98
N PRO B 190 -14.73 -0.56 -42.16
CA PRO B 190 -15.10 -1.55 -43.18
C PRO B 190 -16.33 -2.39 -42.80
N PRO B 191 -16.91 -3.09 -43.78
CA PRO B 191 -18.04 -3.98 -43.45
C PRO B 191 -17.61 -5.11 -42.54
N ILE B 192 -18.54 -5.59 -41.73
CA ILE B 192 -18.32 -6.77 -40.92
C ILE B 192 -19.10 -7.94 -41.53
N PHE B 193 -18.39 -8.95 -42.01
CA PHE B 193 -19.00 -10.13 -42.60
C PHE B 193 -19.08 -11.19 -41.52
N PRO B 194 -20.24 -11.82 -41.35
CA PRO B 194 -20.30 -12.96 -40.44
C PRO B 194 -19.23 -14.00 -40.79
N PRO B 195 -18.43 -14.40 -39.80
CA PRO B 195 -17.23 -15.18 -39.99
C PRO B 195 -17.35 -16.64 -39.76
N GLY B 196 -16.39 -17.40 -40.28
CA GLY B 196 -16.29 -18.82 -39.92
C GLY B 196 -17.44 -19.60 -40.48
N PHE B 197 -17.75 -20.71 -39.83
CA PHE B 197 -18.94 -21.49 -40.15
C PHE B 197 -20.03 -21.47 -39.06
N GLY B 198 -21.30 -21.26 -39.45
CA GLY B 198 -22.48 -21.25 -38.62
C GLY B 198 -22.52 -20.27 -37.42
N GLU B 199 -21.59 -19.34 -37.44
CA GLU B 199 -21.59 -18.29 -36.44
C GLU B 199 -22.51 -17.13 -36.81
N ALA B 200 -23.10 -16.47 -35.81
CA ALA B 200 -23.94 -15.32 -36.06
C ALA B 200 -23.42 -14.16 -35.24
N ILE B 201 -23.34 -12.98 -35.84
CA ILE B 201 -22.92 -11.78 -35.13
C ILE B 201 -23.94 -11.45 -34.04
N VAL B 202 -23.43 -11.10 -32.86
CA VAL B 202 -24.29 -10.71 -31.76
C VAL B 202 -24.54 -9.21 -31.82
N TYR B 203 -25.83 -8.85 -31.82
CA TYR B 203 -26.22 -7.44 -31.82
C TYR B 203 -26.80 -7.06 -30.47
N PHE B 204 -26.31 -5.93 -29.94
CA PHE B 204 -26.75 -5.41 -28.66
C PHE B 204 -27.80 -4.34 -28.93
N MET B 205 -29.00 -4.55 -28.38
CA MET B 205 -30.18 -3.79 -28.80
C MET B 205 -30.65 -2.82 -27.74
N SER B 206 -31.14 -1.65 -28.17
CA SER B 206 -31.69 -0.67 -27.24
C SER B 206 -33.02 -0.16 -27.73
N ASP B 207 -33.93 0.10 -26.80
CA ASP B 207 -35.15 0.83 -27.11
C ASP B 207 -34.77 2.25 -27.55
N PHE B 208 -35.46 2.78 -28.56
CA PHE B 208 -35.18 4.13 -29.04
C PHE B 208 -36.39 4.58 -29.84
N PRO B 209 -36.75 5.88 -29.75
CA PRO B 209 -37.95 6.29 -30.49
C PRO B 209 -37.75 6.33 -32.00
N ILE B 210 -38.37 5.39 -32.71
CA ILE B 210 -38.25 5.31 -34.15
C ILE B 210 -39.62 5.21 -34.81
N VAL B 211 -40.06 6.31 -35.42
CA VAL B 211 -41.35 6.35 -36.09
C VAL B 211 -41.39 5.40 -37.29
N SER B 212 -42.52 4.76 -37.49
CA SER B 212 -42.68 3.82 -38.61
C SER B 212 -42.17 2.43 -38.23
N ALA B 216 -39.31 -1.91 -33.31
CA ALA B 216 -37.92 -2.00 -33.72
C ALA B 216 -36.99 -1.30 -32.73
N GLN B 217 -35.81 -1.87 -32.56
CA GLN B 217 -34.81 -1.43 -31.59
C GLN B 217 -33.57 -1.07 -32.38
N VAL B 218 -32.61 -0.38 -31.76
CA VAL B 218 -31.38 -0.01 -32.48
C VAL B 218 -30.25 -0.98 -32.09
N PRO B 219 -29.62 -1.61 -33.09
CA PRO B 219 -28.52 -2.56 -32.88
C PRO B 219 -27.16 -1.88 -32.83
N CYS B 220 -26.23 -2.47 -32.09
CA CYS B 220 -24.83 -2.11 -32.23
C CYS B 220 -23.99 -3.37 -32.06
N THR B 221 -22.71 -3.30 -32.42
CA THR B 221 -21.90 -4.52 -32.41
C THR B 221 -20.92 -4.59 -31.22
N LEU B 222 -20.72 -3.46 -30.53
CA LEU B 222 -19.98 -3.45 -29.26
C LEU B 222 -20.67 -2.52 -28.30
N PRO B 223 -20.86 -2.96 -27.05
CA PRO B 223 -21.32 -2.00 -26.03
C PRO B 223 -20.28 -0.89 -25.90
N GLN B 224 -20.73 0.33 -25.59
CA GLN B 224 -19.81 1.45 -25.58
C GLN B 224 -18.67 1.27 -24.58
N GLU B 225 -18.99 0.72 -23.41
CA GLU B 225 -17.95 0.52 -22.40
C GLU B 225 -16.90 -0.51 -22.83
N PHE B 226 -17.24 -1.40 -23.76
CA PHE B 226 -16.24 -2.30 -24.34
C PHE B 226 -15.24 -1.48 -25.17
N VAL B 227 -15.77 -0.53 -25.95
CA VAL B 227 -14.92 0.37 -26.74
C VAL B 227 -13.91 1.11 -25.87
N SER B 228 -14.39 1.77 -24.81
CA SER B 228 -13.47 2.52 -23.98
C SER B 228 -12.49 1.60 -23.24
N HIS B 229 -12.95 0.43 -22.83
CA HIS B 229 -12.07 -0.56 -22.22
C HIS B 229 -10.92 -0.92 -23.17
N PHE B 230 -11.24 -1.18 -24.44
CA PHE B 230 -10.18 -1.57 -25.37
C PHE B 230 -9.20 -0.42 -25.60
N VAL B 231 -9.73 0.79 -25.75
CA VAL B 231 -8.92 2.00 -25.92
C VAL B 231 -7.97 2.21 -24.73
N GLU B 232 -8.50 2.04 -23.53
CA GLU B 232 -7.72 2.23 -22.33
C GLU B 232 -6.61 1.21 -22.18
N GLN B 233 -6.93 -0.04 -22.47
CA GLN B 233 -6.03 -1.15 -22.17
C GLN B 233 -4.93 -1.37 -23.19
N GLN B 234 -5.26 -1.13 -24.46
CA GLN B 234 -4.32 -1.39 -25.56
C GLN B 234 -3.70 -2.79 -25.45
N ALA B 235 -4.56 -3.79 -25.26
CA ALA B 235 -4.07 -5.15 -25.05
C ALA B 235 -3.59 -5.76 -26.36
N PRO B 236 -2.49 -6.50 -26.31
CA PRO B 236 -2.02 -7.21 -27.50
C PRO B 236 -2.95 -8.36 -27.85
N VAL B 237 -3.13 -8.60 -29.14
CA VAL B 237 -3.94 -9.70 -29.59
C VAL B 237 -3.02 -10.93 -29.68
N ARG B 238 -3.34 -11.98 -28.93
CA ARG B 238 -2.45 -13.13 -28.82
C ARG B 238 -3.02 -14.36 -29.50
N GLY B 239 -4.10 -14.18 -30.25
CA GLY B 239 -4.73 -15.31 -30.90
C GLY B 239 -5.72 -14.86 -31.94
N GLU B 240 -6.31 -15.82 -32.64
CA GLU B 240 -7.21 -15.52 -33.75
C GLU B 240 -8.60 -15.05 -33.28
N ALA B 241 -8.99 -15.50 -32.10
CA ALA B 241 -10.24 -15.03 -31.49
C ALA B 241 -10.17 -15.23 -29.99
N ALA B 242 -10.95 -14.45 -29.25
CA ALA B 242 -11.03 -14.60 -27.81
C ALA B 242 -12.34 -15.25 -27.41
N LEU B 243 -12.25 -16.39 -26.73
CA LEU B 243 -13.43 -17.06 -26.21
C LEU B 243 -13.88 -16.36 -24.95
N LEU B 244 -15.14 -15.94 -24.93
CA LEU B 244 -15.74 -15.32 -23.74
C LEU B 244 -16.81 -16.24 -23.18
N HIS B 245 -16.98 -16.18 -21.87
CA HIS B 245 -18.16 -16.77 -21.23
C HIS B 245 -19.08 -15.64 -20.76
N TYR B 246 -20.38 -15.86 -20.87
CA TYR B 246 -21.37 -14.92 -20.35
C TYR B 246 -21.86 -15.53 -19.06
N VAL B 247 -21.52 -14.91 -17.93
CA VAL B 247 -21.68 -15.57 -16.64
C VAL B 247 -22.69 -14.89 -15.72
N ASP B 248 -23.44 -15.68 -14.96
CA ASP B 248 -24.30 -15.12 -13.92
C ASP B 248 -23.41 -14.69 -12.75
N PRO B 249 -23.42 -13.40 -12.39
CA PRO B 249 -22.46 -12.92 -11.40
C PRO B 249 -22.82 -13.29 -9.97
N ASP B 250 -24.02 -13.83 -9.76
CA ASP B 250 -24.43 -14.25 -8.43
C ASP B 250 -24.19 -15.74 -8.18
N THR B 251 -24.46 -16.56 -9.19
CA THR B 251 -24.32 -18.01 -9.09
C THR B 251 -23.02 -18.50 -9.72
N HIS B 252 -22.39 -17.63 -10.51
CA HIS B 252 -21.15 -17.95 -11.23
C HIS B 252 -21.30 -19.02 -12.32
N ARG B 253 -22.52 -19.34 -12.73
CA ARG B 253 -22.67 -20.31 -13.80
C ARG B 253 -22.44 -19.69 -15.17
N ASN B 254 -21.79 -20.46 -16.05
CA ASN B 254 -21.57 -20.02 -17.41
C ASN B 254 -22.83 -20.22 -18.22
N LEU B 255 -23.37 -19.13 -18.75
CA LEU B 255 -24.65 -19.19 -19.46
C LEU B 255 -24.49 -19.32 -20.97
N GLY B 256 -23.28 -19.15 -21.49
CA GLY B 256 -23.08 -19.28 -22.91
C GLY B 256 -21.70 -18.87 -23.39
N GLU B 257 -21.29 -19.45 -24.51
CA GLU B 257 -19.98 -19.17 -25.09
C GLU B 257 -20.09 -18.18 -26.22
N PHE B 258 -19.15 -17.22 -26.28
CA PHE B 258 -19.15 -16.22 -27.34
C PHE B 258 -17.71 -16.08 -27.86
N LYS B 259 -17.55 -15.64 -29.11
CA LYS B 259 -16.22 -15.34 -29.66
C LYS B 259 -16.08 -13.85 -29.92
N LEU B 260 -14.98 -13.29 -29.43
CA LEU B 260 -14.68 -11.89 -29.64
C LEU B 260 -13.54 -11.79 -30.65
N TYR B 261 -13.81 -11.17 -31.79
CA TYR B 261 -12.83 -11.11 -32.89
C TYR B 261 -11.96 -9.86 -32.81
N PRO B 262 -10.70 -9.96 -33.25
CA PRO B 262 -9.76 -8.85 -33.20
C PRO B 262 -10.29 -7.57 -33.85
N ASP B 263 -11.07 -7.71 -34.92
CA ASP B 263 -11.62 -6.56 -35.63
C ASP B 263 -12.70 -5.84 -34.80
N GLY B 264 -13.11 -6.45 -33.69
CA GLY B 264 -13.98 -5.77 -32.74
C GLY B 264 -15.46 -6.05 -32.90
N PHE B 265 -15.83 -7.32 -32.87
CA PHE B 265 -17.23 -7.73 -32.86
C PHE B 265 -17.32 -9.10 -32.21
N ILE B 266 -18.54 -9.52 -31.88
CA ILE B 266 -18.78 -10.74 -31.12
C ILE B 266 -19.73 -11.64 -31.88
N THR B 267 -19.49 -12.95 -31.86
CA THR B 267 -20.40 -13.92 -32.46
C THR B 267 -20.81 -14.97 -31.45
N CYS B 268 -21.87 -15.71 -31.79
CA CYS B 268 -22.28 -16.89 -31.07
C CYS B 268 -22.74 -17.92 -32.09
N VAL B 269 -23.05 -19.12 -31.62
CA VAL B 269 -23.80 -20.08 -32.43
C VAL B 269 -25.16 -20.20 -31.79
N PRO B 270 -26.20 -19.66 -32.44
CA PRO B 270 -27.50 -19.72 -31.76
C PRO B 270 -28.13 -21.10 -31.88
N ASN B 271 -28.72 -21.57 -30.78
CA ASN B 271 -29.52 -22.80 -30.82
C ASN B 271 -30.62 -22.61 -31.84
N THR B 272 -30.98 -23.70 -32.53
CA THR B 272 -32.04 -23.65 -33.54
C THR B 272 -33.34 -23.18 -32.90
N GLY B 273 -33.97 -22.18 -33.53
CA GLY B 273 -35.21 -21.60 -33.02
C GLY B 273 -35.00 -20.63 -31.88
N GLY B 274 -33.74 -20.40 -31.51
CA GLY B 274 -33.42 -19.50 -30.42
C GLY B 274 -32.18 -18.65 -30.63
N GLY B 275 -31.43 -18.43 -29.55
CA GLY B 275 -30.25 -17.61 -29.60
C GLY B 275 -30.12 -16.75 -28.36
N PRO B 276 -29.20 -15.78 -28.39
CA PRO B 276 -28.84 -15.03 -27.18
C PRO B 276 -29.96 -14.12 -26.69
N GLN B 277 -30.98 -13.92 -27.53
CA GLN B 277 -32.16 -13.16 -27.12
C GLN B 277 -32.91 -13.83 -25.97
N ASN B 278 -32.62 -15.11 -25.74
CA ASN B 278 -33.29 -15.86 -24.68
C ASN B 278 -32.52 -15.86 -23.36
N LEU B 279 -31.35 -15.25 -23.36
CA LEU B 279 -30.53 -15.18 -22.15
C LEU B 279 -30.99 -14.05 -21.25
N PRO B 280 -30.74 -14.19 -19.94
CA PRO B 280 -30.98 -13.07 -19.03
C PRO B 280 -30.03 -11.92 -19.35
N THR B 281 -30.41 -10.71 -18.98
CA THR B 281 -29.65 -9.54 -19.37
C THR B 281 -28.80 -9.01 -18.20
N ASN B 282 -28.60 -9.83 -17.18
CA ASN B 282 -27.81 -9.39 -16.03
C ASN B 282 -26.48 -10.15 -15.95
N GLY B 283 -26.13 -10.83 -17.03
CA GLY B 283 -24.88 -11.58 -17.07
C GLY B 283 -23.69 -10.71 -17.42
N VAL B 284 -22.51 -11.20 -17.09
CA VAL B 284 -21.26 -10.49 -17.34
C VAL B 284 -20.37 -11.29 -18.30
N PHE B 285 -19.84 -10.63 -19.33
CA PHE B 285 -18.89 -11.30 -20.23
C PHE B 285 -17.54 -11.37 -19.53
N VAL B 286 -16.87 -12.52 -19.64
CA VAL B 286 -15.57 -12.75 -19.01
C VAL B 286 -14.65 -13.45 -20.01
N PHE B 287 -13.44 -12.92 -20.19
CA PHE B 287 -12.47 -13.58 -21.04
C PHE B 287 -12.10 -14.97 -20.51
N SER B 288 -12.09 -15.97 -21.39
CA SER B 288 -11.74 -17.33 -21.01
C SER B 288 -10.38 -17.74 -21.55
N SER B 289 -10.23 -17.70 -22.87
CA SER B 289 -8.94 -18.06 -23.47
C SER B 289 -8.86 -17.58 -24.91
N TRP B 290 -7.65 -17.54 -25.45
CA TRP B 290 -7.46 -17.35 -26.89
C TRP B 290 -7.68 -18.67 -27.60
N VAL B 291 -8.44 -18.64 -28.69
CA VAL B 291 -8.78 -19.85 -29.43
C VAL B 291 -8.53 -19.65 -30.92
N SER B 292 -8.48 -20.79 -31.63
CA SER B 292 -8.31 -20.84 -33.07
C SER B 292 -9.55 -20.26 -33.72
N ARG B 293 -9.36 -19.60 -34.85
CA ARG B 293 -10.40 -18.85 -35.45
C ARG B 293 -11.67 -19.59 -35.74
N TYR B 294 -11.50 -20.86 -36.04
CA TYR B 294 -12.65 -21.72 -36.36
C TYR B 294 -13.08 -22.57 -35.15
N TYR B 295 -12.68 -22.15 -33.95
CA TYR B 295 -13.17 -22.79 -32.74
C TYR B 295 -14.69 -22.84 -32.76
N GLN B 296 -15.22 -24.04 -32.54
CA GLN B 296 -16.65 -24.27 -32.61
C GLN B 296 -17.36 -24.09 -31.26
N LEU B 297 -18.24 -23.09 -31.21
CA LEU B 297 -18.92 -22.70 -29.99
C LEU B 297 -20.08 -23.62 -29.63
N LYS B 298 -20.31 -23.76 -28.33
CA LYS B 298 -21.50 -24.42 -27.84
C LYS B 298 -22.70 -23.55 -28.19
N PRO B 299 -23.72 -24.14 -28.80
CA PRO B 299 -24.88 -23.32 -29.18
C PRO B 299 -25.53 -22.69 -27.96
N VAL B 300 -26.05 -21.47 -28.12
CA VAL B 300 -26.63 -20.74 -26.99
C VAL B 300 -28.10 -20.42 -27.16
N GLY B 301 -28.82 -20.33 -26.03
CA GLY B 301 -30.18 -19.84 -26.02
C GLY B 301 -31.24 -20.73 -26.64
N LEU C 7 -4.26 -0.82 -7.77
CA LEU C 7 -5.26 0.21 -8.07
C LEU C 7 -4.88 0.98 -9.33
N THR C 8 -5.86 1.21 -10.20
CA THR C 8 -5.70 2.14 -11.32
C THR C 8 -6.88 3.10 -11.42
N VAL C 9 -6.70 4.20 -12.15
CA VAL C 9 -7.81 5.06 -12.56
C VAL C 9 -7.86 5.08 -14.08
N PRO C 10 -8.99 5.49 -14.68
CA PRO C 10 -9.09 5.39 -16.15
C PRO C 10 -7.95 6.08 -16.90
N ASN C 11 -7.32 5.36 -17.83
CA ASN C 11 -6.33 5.95 -18.73
C ASN C 11 -7.06 6.63 -19.90
N ILE C 12 -7.78 7.69 -19.56
CA ILE C 12 -8.59 8.42 -20.53
C ILE C 12 -8.45 9.90 -20.21
N PRO C 13 -8.17 10.73 -21.23
CA PRO C 13 -8.00 12.15 -20.92
C PRO C 13 -9.29 12.78 -20.42
N LEU C 14 -9.17 13.83 -19.61
CA LEU C 14 -10.32 14.42 -18.92
C LEU C 14 -11.45 14.82 -19.85
N ASN C 15 -11.11 15.38 -21.01
CA ASN C 15 -12.13 15.83 -21.96
C ASN C 15 -12.88 14.70 -22.64
N ASN C 16 -12.41 13.47 -22.46
CA ASN C 16 -13.11 12.30 -22.96
C ASN C 16 -13.86 11.57 -21.85
N LEU C 17 -13.99 12.21 -20.70
CA LEU C 17 -14.76 11.69 -19.57
C LEU C 17 -16.10 12.40 -19.42
N ALA C 18 -17.12 11.64 -19.03
CA ALA C 18 -18.47 12.16 -18.89
C ALA C 18 -18.78 12.68 -17.51
N ASN C 19 -19.62 13.70 -17.46
CA ASN C 19 -20.18 14.18 -16.19
C ASN C 19 -21.06 13.10 -15.61
N SER C 20 -21.06 13.00 -14.28
CA SER C 20 -21.86 11.99 -13.59
C SER C 20 -23.18 12.52 -13.06
N ARG C 21 -23.43 13.81 -13.27
CA ARG C 21 -24.69 14.42 -12.81
C ARG C 21 -25.58 14.91 -13.97
N VAL C 22 -24.99 15.13 -15.14
CA VAL C 22 -25.75 15.43 -16.35
C VAL C 22 -25.14 14.71 -17.55
N PRO C 23 -25.96 14.43 -18.58
CA PRO C 23 -25.38 13.75 -19.74
C PRO C 23 -24.60 14.71 -20.63
N ALA C 24 -23.32 14.89 -20.32
CA ALA C 24 -22.48 15.86 -21.00
C ALA C 24 -21.05 15.46 -20.72
N MET C 25 -20.13 15.99 -21.51
CA MET C 25 -18.71 15.71 -21.29
C MET C 25 -18.10 16.74 -20.34
N ILE C 26 -17.09 16.31 -19.60
CA ILE C 26 -16.36 17.24 -18.74
C ILE C 26 -15.56 18.19 -19.61
N ASN C 27 -15.62 19.48 -19.31
CA ASN C 27 -14.76 20.40 -20.06
C ASN C 27 -13.77 21.23 -19.24
N LYS C 28 -13.87 21.14 -17.91
CA LYS C 28 -12.84 21.71 -17.04
C LYS C 28 -12.94 21.24 -15.60
N MET C 29 -11.89 21.50 -14.83
CA MET C 29 -11.90 21.27 -13.39
C MET C 29 -11.95 22.62 -12.71
N THR C 30 -12.47 22.65 -11.50
CA THR C 30 -12.36 23.84 -10.68
C THR C 30 -12.46 23.50 -9.21
N VAL C 31 -12.20 24.51 -8.38
CA VAL C 31 -12.47 24.40 -6.96
C VAL C 31 -13.60 25.35 -6.66
N SER C 32 -14.34 25.11 -5.57
CA SER C 32 -15.43 26.01 -5.22
C SER C 32 -14.90 27.35 -4.69
N THR C 33 -15.65 28.43 -4.92
CA THR C 33 -15.23 29.76 -4.49
C THR C 33 -14.99 29.82 -2.97
N ASP C 34 -15.89 29.20 -2.22
CA ASP C 34 -15.67 28.95 -0.81
C ASP C 34 -15.16 27.52 -0.70
N GLN C 35 -13.86 27.37 -0.40
CA GLN C 35 -13.25 26.05 -0.38
C GLN C 35 -13.69 25.24 0.82
N ASN C 36 -14.46 25.84 1.73
CA ASN C 36 -15.03 25.09 2.84
C ASN C 36 -16.45 24.59 2.58
N GLN C 37 -16.97 24.87 1.38
CA GLN C 37 -18.32 24.45 1.03
C GLN C 37 -18.45 22.93 1.02
N VAL C 38 -19.50 22.43 1.68
CA VAL C 38 -19.77 21.00 1.71
C VAL C 38 -20.86 20.68 0.68
N VAL C 39 -20.66 19.64 -0.11
CA VAL C 39 -21.71 19.20 -1.04
C VAL C 39 -22.22 17.82 -0.66
N GLN C 40 -23.36 17.44 -1.23
CA GLN C 40 -23.98 16.14 -0.94
C GLN C 40 -24.64 15.58 -2.20
N PHE C 41 -23.93 15.68 -3.33
CA PHE C 41 -24.42 15.12 -4.60
C PHE C 41 -24.79 13.64 -4.41
N GLN C 42 -25.86 13.22 -5.08
CA GLN C 42 -26.34 11.86 -4.95
C GLN C 42 -25.93 11.00 -6.15
N ASN C 43 -25.58 11.65 -7.24
CA ASN C 43 -24.99 10.96 -8.39
C ASN C 43 -23.50 11.23 -8.44
N GLY C 44 -22.77 10.40 -9.17
CA GLY C 44 -21.32 10.50 -9.19
C GLY C 44 -20.66 10.06 -7.91
N ARG C 45 -21.34 9.23 -7.13
CA ARG C 45 -20.87 8.80 -5.83
C ARG C 45 -20.55 7.31 -5.80
N CYS C 46 -19.31 6.99 -5.47
CA CYS C 46 -18.87 5.60 -5.45
C CYS C 46 -17.59 5.54 -4.62
N THR C 47 -17.50 4.56 -3.73
CA THR C 47 -16.27 4.41 -2.97
C THR C 47 -15.17 3.82 -3.85
N LEU C 48 -13.92 4.00 -3.43
CA LEU C 48 -12.78 3.47 -4.18
C LEU C 48 -12.86 1.95 -4.32
N GLU C 49 -13.46 1.28 -3.34
CA GLU C 49 -13.65 -0.18 -3.39
C GLU C 49 -14.73 -0.62 -4.37
N GLY C 50 -15.48 0.33 -4.91
CA GLY C 50 -16.49 0.01 -5.91
C GLY C 50 -17.92 -0.11 -5.41
N GLN C 51 -18.21 0.49 -4.27
CA GLN C 51 -19.57 0.54 -3.74
C GLN C 51 -20.31 1.80 -4.19
N LEU C 52 -21.33 1.64 -5.04
CA LEU C 52 -22.17 2.76 -5.46
C LEU C 52 -22.92 3.35 -4.27
N LEU C 53 -23.02 4.69 -4.23
CA LEU C 53 -23.74 5.37 -3.17
C LEU C 53 -24.85 6.25 -3.75
N GLY C 54 -25.86 6.54 -2.92
CA GLY C 54 -26.94 7.40 -3.38
C GLY C 54 -27.69 6.82 -4.56
N THR C 55 -27.95 7.64 -5.56
CA THR C 55 -28.67 7.20 -6.74
C THR C 55 -27.72 6.88 -7.90
N THR C 56 -26.41 6.90 -7.62
CA THR C 56 -25.42 6.71 -8.68
C THR C 56 -25.56 5.41 -9.45
N PRO C 57 -25.70 5.50 -10.79
CA PRO C 57 -25.70 4.32 -11.66
C PRO C 57 -24.30 4.06 -12.21
N VAL C 58 -24.18 3.05 -13.07
CA VAL C 58 -22.87 2.64 -13.56
C VAL C 58 -22.46 3.31 -14.87
N SER C 59 -23.40 3.42 -15.81
CA SER C 59 -23.09 3.93 -17.13
C SER C 59 -23.42 5.40 -17.30
N ALA C 60 -22.64 6.07 -18.15
CA ALA C 60 -22.93 7.47 -18.49
C ALA C 60 -24.30 7.65 -19.13
N SER C 61 -24.83 6.59 -19.75
CA SER C 61 -26.16 6.69 -20.35
C SER C 61 -27.32 6.37 -19.38
N GLN C 62 -27.01 6.31 -18.08
CA GLN C 62 -28.02 6.20 -17.02
C GLN C 62 -28.10 7.50 -16.25
N VAL C 63 -27.20 8.44 -16.55
CA VAL C 63 -27.10 9.66 -15.74
C VAL C 63 -28.21 10.67 -16.05
N ALA C 64 -28.93 11.06 -15.00
CA ALA C 64 -30.01 12.06 -15.09
C ALA C 64 -31.13 11.62 -16.02
N ARG C 65 -31.58 10.39 -15.82
CA ARG C 65 -32.70 9.84 -16.59
C ARG C 65 -33.82 9.40 -15.67
N ILE C 66 -35.02 9.31 -16.23
CA ILE C 66 -36.22 8.95 -15.46
C ILE C 66 -37.05 7.97 -16.28
N ARG C 67 -37.61 6.97 -15.60
CA ARG C 67 -38.59 6.09 -16.21
C ARG C 67 -39.74 5.86 -15.25
N GLY C 68 -40.95 5.80 -15.79
CA GLY C 68 -42.09 5.46 -14.96
C GLY C 68 -43.34 5.27 -15.77
N LYS C 69 -44.42 4.86 -15.11
CA LYS C 69 -45.70 4.69 -15.77
C LYS C 69 -46.57 5.89 -15.47
N VAL C 70 -47.15 6.46 -16.52
CA VAL C 70 -48.01 7.63 -16.35
C VAL C 70 -49.26 7.27 -15.54
N PHE C 71 -49.63 8.16 -14.62
CA PHE C 71 -50.90 8.09 -13.91
C PHE C 71 -51.62 9.43 -14.04
N SER C 72 -52.95 9.40 -13.95
CA SER C 72 -53.76 10.60 -14.02
C SER C 72 -54.79 10.64 -12.89
N THR C 73 -54.85 11.75 -12.15
CA THR C 73 -55.90 11.92 -11.17
C THR C 73 -56.59 13.25 -11.46
N ALA C 74 -57.55 13.63 -10.62
CA ALA C 74 -58.30 14.86 -10.84
C ALA C 74 -57.39 16.08 -10.81
N SER C 75 -56.28 16.00 -10.10
CA SER C 75 -55.44 17.19 -9.93
C SER C 75 -54.30 17.26 -10.94
N GLY C 76 -53.99 16.14 -11.58
CA GLY C 76 -52.99 16.18 -12.65
C GLY C 76 -52.42 14.84 -13.04
N LYS C 77 -51.26 14.87 -13.70
CA LYS C 77 -50.63 13.67 -14.22
C LYS C 77 -49.34 13.50 -13.43
N GLY C 78 -48.81 12.28 -13.43
CA GLY C 78 -47.52 12.01 -12.81
C GLY C 78 -46.90 10.75 -13.35
N LEU C 79 -45.73 10.40 -12.83
CA LEU C 79 -45.13 9.11 -13.12
C LEU C 79 -45.02 8.30 -11.85
N ASN C 80 -45.45 7.04 -11.91
CA ASN C 80 -45.11 6.07 -10.87
C ASN C 80 -43.77 5.49 -11.28
N LEU C 81 -42.72 5.83 -10.53
CA LEU C 81 -41.35 5.54 -10.95
C LEU C 81 -40.95 4.07 -10.95
N THR C 82 -40.10 3.70 -11.91
CA THR C 82 -39.39 2.43 -11.89
C THR C 82 -37.90 2.68 -12.05
N GLU C 83 -37.09 1.63 -11.94
CA GLU C 83 -35.72 1.76 -12.38
C GLU C 83 -35.72 1.96 -13.90
N LEU C 84 -34.58 2.37 -14.45
CA LEU C 84 -34.51 2.74 -15.85
C LEU C 84 -34.69 1.52 -16.78
N ASP C 85 -34.52 0.31 -16.26
CA ASP C 85 -34.78 -0.90 -17.04
C ASP C 85 -36.21 -1.41 -16.87
N GLY C 86 -37.01 -0.61 -16.16
CA GLY C 86 -38.41 -0.97 -15.98
C GLY C 86 -38.70 -1.85 -14.77
N THR C 87 -37.66 -2.29 -14.08
CA THR C 87 -37.81 -3.13 -12.87
C THR C 87 -38.17 -2.30 -11.63
N PRO C 88 -38.65 -2.96 -10.56
CA PRO C 88 -39.07 -2.22 -9.37
C PRO C 88 -37.98 -1.35 -8.77
N TYR C 89 -38.38 -0.14 -8.39
CA TYR C 89 -37.51 0.81 -7.71
C TYR C 89 -37.27 0.44 -6.26
N HIS C 90 -35.97 0.42 -5.92
CA HIS C 90 -35.45 0.08 -4.60
C HIS C 90 -35.55 1.22 -3.58
N ALA C 91 -36.76 1.60 -3.19
CA ALA C 91 -36.95 2.65 -2.21
C ALA C 91 -36.35 2.31 -0.85
N PHE C 92 -36.23 1.01 -0.55
CA PHE C 92 -35.80 0.55 0.76
C PHE C 92 -34.33 0.86 0.98
N GLU C 93 -33.60 1.07 -0.11
CA GLU C 93 -32.16 1.37 0.00
C GLU C 93 -31.61 2.61 -0.73
N SER C 94 -32.42 3.28 -1.54
CA SER C 94 -31.93 4.42 -2.32
C SER C 94 -32.91 5.59 -2.28
N PRO C 95 -32.42 6.82 -2.51
CA PRO C 95 -33.28 8.01 -2.46
C PRO C 95 -34.30 8.07 -3.57
N ALA C 96 -34.00 7.42 -4.69
CA ALA C 96 -34.81 7.48 -5.90
C ALA C 96 -34.25 6.39 -6.80
N PRO C 97 -34.87 6.15 -7.97
CA PRO C 97 -34.29 5.15 -8.88
C PRO C 97 -32.88 5.50 -9.30
N LEU C 98 -32.04 4.50 -9.58
CA LEU C 98 -30.68 4.81 -9.98
C LEU C 98 -30.69 5.69 -11.24
N GLY C 99 -29.83 6.70 -11.23
CA GLY C 99 -29.73 7.63 -12.34
C GLY C 99 -30.67 8.81 -12.27
N PHE C 100 -31.64 8.79 -11.35
CA PHE C 100 -32.60 9.88 -11.21
C PHE C 100 -31.84 11.18 -11.01
N PRO C 101 -32.27 12.29 -11.67
CA PRO C 101 -31.50 13.53 -11.54
C PRO C 101 -31.37 14.01 -10.10
N ASP C 102 -30.23 14.64 -9.79
CA ASP C 102 -29.99 15.18 -8.45
C ASP C 102 -29.68 16.68 -8.48
N ILE C 103 -30.24 17.37 -9.47
CA ILE C 103 -30.05 18.83 -9.55
C ILE C 103 -31.16 19.47 -8.75
N GLY C 104 -30.86 19.93 -7.55
CA GLY C 104 -31.92 20.40 -6.65
C GLY C 104 -32.47 21.80 -6.89
N ALA C 105 -33.65 22.03 -6.32
CA ALA C 105 -34.23 23.38 -6.20
C ALA C 105 -34.38 24.10 -7.54
N CYS C 106 -34.96 23.40 -8.50
CA CYS C 106 -35.21 23.98 -9.83
C CYS C 106 -36.28 23.17 -10.53
N ASP C 107 -36.88 23.76 -11.56
CA ASP C 107 -37.77 23.01 -12.46
C ASP C 107 -36.93 22.15 -13.37
N TRP C 108 -37.42 20.95 -13.66
CA TRP C 108 -36.78 20.04 -14.60
C TRP C 108 -37.64 19.93 -15.85
N HIS C 109 -37.00 19.71 -16.99
CA HIS C 109 -37.71 19.49 -18.23
C HIS C 109 -37.11 18.25 -18.85
N VAL C 110 -37.89 17.18 -18.85
CA VAL C 110 -37.38 15.84 -19.14
C VAL C 110 -38.05 15.33 -20.40
N SER C 111 -37.23 14.97 -21.39
CA SER C 111 -37.75 14.54 -22.69
C SER C 111 -37.87 13.02 -22.73
N THR C 112 -39.11 12.53 -22.82
CA THR C 112 -39.39 11.09 -22.73
C THR C 112 -40.11 10.55 -23.97
N PHE C 113 -39.99 9.25 -24.19
CA PHE C 113 -40.77 8.55 -25.20
C PHE C 113 -41.47 7.33 -24.59
N LYS C 114 -42.52 6.86 -25.25
CA LYS C 114 -43.25 5.68 -24.81
C LYS C 114 -42.48 4.46 -25.30
N VAL C 115 -42.02 3.62 -24.37
CA VAL C 115 -41.20 2.47 -24.79
C VAL C 115 -42.07 1.41 -25.47
N ASP C 116 -41.52 0.78 -26.51
CA ASP C 116 -42.24 -0.29 -27.22
C ASP C 116 -43.57 0.18 -27.80
N GLN C 117 -43.67 1.46 -28.10
CA GLN C 117 -44.88 1.97 -28.74
C GLN C 117 -44.66 2.01 -30.24
N ASN C 118 -45.67 1.54 -30.98
CA ASN C 118 -45.67 1.61 -32.44
C ASN C 118 -45.95 3.04 -32.89
N LEU C 119 -44.86 3.74 -33.19
CA LEU C 119 -44.89 5.18 -33.23
C LEU C 119 -45.14 5.76 -34.60
N SER C 120 -46.25 6.46 -34.69
CA SER C 120 -46.54 7.41 -35.78
C SER C 120 -46.61 8.83 -35.19
N GLY C 121 -46.24 9.87 -35.95
CA GLY C 121 -46.21 11.21 -35.40
C GLY C 121 -45.04 11.42 -34.44
N ASP C 122 -44.96 12.61 -33.85
CA ASP C 122 -43.89 12.89 -32.93
C ASP C 122 -44.04 11.93 -31.75
N PRO C 123 -42.93 11.35 -31.33
CA PRO C 123 -42.94 10.44 -30.19
C PRO C 123 -42.57 11.09 -28.87
N MET C 124 -42.12 12.34 -28.88
CA MET C 124 -41.55 12.90 -27.66
C MET C 124 -42.56 13.67 -26.82
N SER C 125 -42.41 13.53 -25.51
CA SER C 125 -43.13 14.39 -24.57
C SER C 125 -42.10 15.10 -23.71
N ARG C 126 -42.33 16.37 -23.44
CA ARG C 126 -41.49 17.09 -22.47
C ARG C 126 -42.25 17.14 -21.15
N LEU C 127 -41.71 16.48 -20.13
CA LEU C 127 -42.34 16.46 -18.81
C LEU C 127 -41.75 17.59 -17.98
N ASP C 128 -42.61 18.49 -17.54
CA ASP C 128 -42.18 19.65 -16.78
C ASP C 128 -42.45 19.38 -15.31
N VAL C 129 -41.38 19.30 -14.53
CA VAL C 129 -41.46 18.81 -13.16
C VAL C 129 -41.01 19.91 -12.21
N LYS C 130 -41.83 20.19 -11.20
CA LYS C 130 -41.45 21.18 -10.19
C LYS C 130 -41.01 20.51 -8.89
N GLN C 131 -39.99 21.07 -8.27
CA GLN C 131 -39.52 20.60 -6.97
C GLN C 131 -40.20 21.44 -5.92
N ASN C 132 -41.52 21.33 -5.87
CA ASN C 132 -42.25 22.08 -4.89
C ASN C 132 -42.63 21.20 -3.72
N ALA C 133 -43.52 21.67 -2.85
CA ALA C 133 -43.82 20.92 -1.63
C ALA C 133 -44.18 19.44 -1.84
N PRO C 134 -45.02 19.14 -2.85
CA PRO C 134 -45.39 17.74 -3.13
C PRO C 134 -44.30 16.86 -3.78
N PHE C 135 -43.12 17.40 -4.09
CA PHE C 135 -42.08 16.62 -4.77
C PHE C 135 -41.43 15.62 -3.83
N ALA C 136 -41.81 14.35 -4.00
CA ALA C 136 -41.36 13.27 -3.11
C ALA C 136 -41.03 11.97 -3.85
N PRO C 137 -39.99 11.98 -4.71
CA PRO C 137 -39.62 10.83 -5.53
C PRO C 137 -39.23 9.59 -4.72
N HIS C 138 -38.75 9.77 -3.50
CA HIS C 138 -38.41 8.59 -2.71
C HIS C 138 -39.63 7.71 -2.46
N LEU C 139 -40.82 8.33 -2.36
CA LEU C 139 -42.05 7.59 -2.12
C LEU C 139 -42.53 6.90 -3.39
N GLY C 140 -41.88 7.22 -4.51
CA GLY C 140 -42.08 6.47 -5.74
C GLY C 140 -42.88 7.13 -6.85
N SER C 141 -43.18 8.40 -6.69
CA SER C 141 -43.90 9.14 -7.74
C SER C 141 -43.46 10.59 -7.83
N ILE C 142 -43.59 11.16 -9.01
CA ILE C 142 -43.44 12.60 -9.18
C ILE C 142 -44.63 13.08 -10.00
N GLU C 143 -44.95 14.36 -9.91
CA GLU C 143 -46.01 14.92 -10.72
C GLU C 143 -45.36 15.74 -11.84
N PHE C 144 -46.08 15.90 -12.96
CA PHE C 144 -45.59 16.74 -14.04
C PHE C 144 -46.75 17.41 -14.74
N THR C 145 -46.43 18.46 -15.49
CA THR C 145 -47.34 18.96 -16.51
C THR C 145 -46.64 18.81 -17.87
N SER C 146 -47.41 18.74 -18.93
CA SER C 146 -46.83 18.59 -20.28
C SER C 146 -47.76 19.16 -21.32
N ASP C 147 -47.19 19.80 -22.34
CA ASP C 147 -47.98 20.28 -23.46
C ASP C 147 -48.31 19.14 -24.43
N GLN C 148 -47.68 17.99 -24.21
CA GLN C 148 -47.97 16.80 -25.00
C GLN C 148 -48.89 15.85 -24.23
N ASP C 149 -49.07 14.64 -24.74
CA ASP C 149 -49.98 13.68 -24.13
C ASP C 149 -49.33 12.35 -23.81
N PRO C 150 -48.35 12.34 -22.89
CA PRO C 150 -47.66 11.08 -22.58
C PRO C 150 -48.58 10.09 -21.88
N THR C 151 -48.47 8.83 -22.27
CA THR C 151 -49.21 7.74 -21.65
C THR C 151 -48.29 6.54 -21.46
N GLY C 152 -48.69 5.61 -20.60
CA GLY C 152 -47.94 4.39 -20.41
C GLY C 152 -46.54 4.54 -19.85
N ASP C 153 -45.67 3.65 -20.29
CA ASP C 153 -44.32 3.62 -19.79
C ASP C 153 -43.52 4.64 -20.56
N GLN C 154 -43.03 5.63 -19.84
CA GLN C 154 -42.22 6.70 -20.41
C GLN C 154 -40.78 6.62 -19.91
N LEU C 155 -39.83 6.71 -20.83
CA LEU C 155 -38.42 6.71 -20.49
C LEU C 155 -37.76 7.93 -21.10
N GLY C 156 -36.93 8.64 -20.35
CA GLY C 156 -36.29 9.81 -20.93
C GLY C 156 -35.16 10.41 -20.15
N THR C 157 -34.72 11.57 -20.60
CA THR C 157 -33.49 12.20 -20.12
C THR C 157 -33.74 13.66 -19.79
N LEU C 158 -33.12 14.14 -18.72
CA LEU C 158 -33.17 15.54 -18.36
C LEU C 158 -32.61 16.35 -19.51
N ALA C 159 -33.42 17.28 -20.02
CA ALA C 159 -33.04 18.10 -21.18
C ALA C 159 -32.51 19.47 -20.78
N TRP C 160 -33.15 20.09 -19.78
CA TRP C 160 -32.74 21.41 -19.30
C TRP C 160 -33.40 21.71 -17.96
N VAL C 161 -32.88 22.72 -17.27
CA VAL C 161 -33.43 23.12 -15.97
C VAL C 161 -33.68 24.62 -15.96
N SER C 162 -34.58 25.06 -15.09
CA SER C 162 -34.98 26.48 -15.06
C SER C 162 -35.40 26.84 -13.63
N PRO C 163 -35.52 28.14 -13.34
CA PRO C 163 -35.82 28.53 -11.95
C PRO C 163 -37.19 28.07 -11.44
N SER C 164 -37.26 27.79 -10.15
CA SER C 164 -38.50 27.31 -9.54
C SER C 164 -39.59 28.38 -9.51
N THR C 165 -39.17 29.63 -9.33
CA THR C 165 -40.09 30.76 -9.32
C THR C 165 -39.48 31.91 -10.11
N SER C 166 -40.34 32.83 -10.54
CA SER C 166 -39.88 34.02 -11.26
C SER C 166 -38.93 34.83 -10.41
N GLY C 167 -37.76 35.12 -10.96
CA GLY C 167 -36.77 35.90 -10.24
C GLY C 167 -35.71 35.06 -9.55
N ALA C 168 -35.98 33.76 -9.41
CA ALA C 168 -35.03 32.89 -8.73
C ALA C 168 -33.93 32.48 -9.68
N ARG C 169 -32.85 31.93 -9.14
CA ARG C 169 -31.80 31.39 -9.98
C ARG C 169 -31.60 29.91 -9.71
N VAL C 170 -31.10 29.20 -10.70
CA VAL C 170 -30.78 27.80 -10.50
C VAL C 170 -29.38 27.70 -9.91
N ASP C 171 -29.26 26.90 -8.85
CA ASP C 171 -27.97 26.60 -8.25
C ASP C 171 -27.75 25.10 -8.40
N PRO C 172 -26.94 24.68 -9.40
CA PRO C 172 -26.79 23.24 -9.63
C PRO C 172 -25.90 22.52 -8.61
N TRP C 173 -25.44 23.26 -7.60
CA TRP C 173 -24.67 22.69 -6.51
C TRP C 173 -25.57 22.13 -5.39
N LYS C 174 -26.88 22.37 -5.52
CA LYS C 174 -27.86 21.84 -4.57
C LYS C 174 -28.40 20.48 -5.02
N ILE C 175 -28.93 19.71 -4.06
CA ILE C 175 -29.62 18.46 -4.34
C ILE C 175 -31.11 18.54 -3.99
N PRO C 176 -31.92 17.60 -4.52
CA PRO C 176 -33.34 17.61 -4.20
C PRO C 176 -33.61 17.20 -2.76
N SER C 177 -34.82 17.50 -2.32
CA SER C 177 -35.38 16.89 -1.12
C SER C 177 -36.23 15.74 -1.61
N TYR C 178 -35.78 14.51 -1.36
CA TYR C 178 -36.40 13.34 -1.96
C TYR C 178 -37.63 12.84 -1.22
N GLY C 179 -37.78 13.22 0.04
CA GLY C 179 -38.90 12.74 0.84
C GLY C 179 -40.06 13.71 0.90
N SER C 180 -41.17 13.24 1.46
CA SER C 180 -42.35 14.07 1.56
C SER C 180 -42.33 14.84 2.86
N THR C 181 -41.75 14.23 3.89
CA THR C 181 -41.58 14.87 5.19
C THR C 181 -40.12 15.04 5.55
N VAL C 182 -39.86 15.76 6.64
CA VAL C 182 -38.49 15.95 7.15
C VAL C 182 -38.04 14.78 8.01
N THR C 183 -38.90 13.78 8.16
CA THR C 183 -38.60 12.65 9.03
C THR C 183 -38.52 11.34 8.24
N GLU C 184 -38.89 11.41 6.97
CA GLU C 184 -38.79 10.28 6.06
C GLU C 184 -37.32 9.95 5.77
N SER C 185 -36.93 8.70 6.00
CA SER C 185 -35.57 8.26 5.69
C SER C 185 -35.40 8.04 4.19
N THR C 186 -34.51 8.82 3.57
CA THR C 186 -34.27 8.70 2.13
C THR C 186 -32.95 8.02 1.71
N HIS C 187 -32.13 7.58 2.66
CA HIS C 187 -30.90 6.84 2.37
C HIS C 187 -29.90 7.60 1.51
N LEU C 188 -29.68 8.88 1.85
CA LEU C 188 -28.77 9.72 1.08
C LEU C 188 -27.31 9.29 1.21
N ALA C 189 -26.58 9.39 0.10
CA ALA C 189 -25.13 9.35 0.19
C ALA C 189 -24.70 10.50 1.11
N PRO C 190 -23.69 10.28 1.95
CA PRO C 190 -23.33 11.29 2.95
C PRO C 190 -22.66 12.54 2.35
N PRO C 191 -22.56 13.62 3.13
CA PRO C 191 -21.85 14.80 2.63
C PRO C 191 -20.39 14.52 2.32
N ILE C 192 -19.81 15.31 1.41
CA ILE C 192 -18.37 15.25 1.12
C ILE C 192 -17.73 16.47 1.77
N PHE C 193 -16.90 16.23 2.78
CA PHE C 193 -16.25 17.32 3.52
C PHE C 193 -14.84 17.59 3.03
N PRO C 194 -14.53 18.86 2.74
CA PRO C 194 -13.13 19.23 2.48
C PRO C 194 -12.30 18.76 3.67
N PRO C 195 -11.22 18.02 3.41
CA PRO C 195 -10.58 17.25 4.48
C PRO C 195 -9.57 18.00 5.35
N GLY C 196 -9.28 19.27 5.04
CA GLY C 196 -8.37 20.00 5.90
C GLY C 196 -7.05 20.37 5.24
N PHE C 197 -6.27 21.16 5.97
CA PHE C 197 -4.93 21.57 5.58
C PHE C 197 -4.83 22.13 4.17
N GLY C 198 -5.76 23.01 3.85
CA GLY C 198 -5.75 23.72 2.58
C GLY C 198 -6.17 22.89 1.39
N GLU C 199 -6.63 21.66 1.60
CA GLU C 199 -7.09 20.88 0.46
C GLU C 199 -8.48 21.32 0.05
N ALA C 200 -8.72 21.25 -1.25
CA ALA C 200 -10.03 21.62 -1.80
C ALA C 200 -10.54 20.50 -2.68
N ILE C 201 -11.83 20.24 -2.60
CA ILE C 201 -12.47 19.25 -3.45
C ILE C 201 -12.39 19.70 -4.91
N VAL C 202 -12.05 18.77 -5.80
CA VAL C 202 -12.00 19.06 -7.22
C VAL C 202 -13.35 18.77 -7.85
N TYR C 203 -13.90 19.76 -8.54
CA TYR C 203 -15.17 19.62 -9.23
C TYR C 203 -14.98 19.59 -10.73
N PHE C 204 -15.65 18.62 -11.36
CA PHE C 204 -15.56 18.41 -12.80
C PHE C 204 -16.79 19.02 -13.42
N MET C 205 -16.59 19.99 -14.30
CA MET C 205 -17.67 20.86 -14.75
C MET C 205 -18.07 20.55 -16.17
N SER C 206 -19.37 20.67 -16.46
CA SER C 206 -19.88 20.52 -17.82
C SER C 206 -20.84 21.64 -18.21
N ASP C 207 -20.82 22.02 -19.49
CA ASP C 207 -21.86 22.88 -20.05
C ASP C 207 -23.19 22.12 -20.03
N PHE C 208 -24.28 22.83 -19.74
CA PHE C 208 -25.62 22.23 -19.74
C PHE C 208 -26.63 23.35 -19.81
N PRO C 209 -27.76 23.13 -20.50
CA PRO C 209 -28.72 24.25 -20.60
C PRO C 209 -29.44 24.56 -19.29
N ILE C 210 -29.07 25.67 -18.69
CA ILE C 210 -29.64 26.14 -17.42
C ILE C 210 -30.21 27.51 -17.66
N VAL C 211 -31.52 27.65 -17.55
CA VAL C 211 -32.12 28.91 -17.83
C VAL C 211 -31.89 29.73 -16.59
N SER C 212 -31.41 30.96 -16.80
CA SER C 212 -31.06 31.86 -15.72
C SER C 212 -29.67 31.58 -15.15
N GLY C 213 -28.90 30.74 -15.82
CA GLY C 213 -27.62 30.35 -15.28
C GLY C 213 -26.48 31.22 -15.74
N ASN C 214 -26.73 32.01 -16.78
CA ASN C 214 -25.65 32.83 -17.27
C ASN C 214 -24.65 31.81 -17.69
N THR C 215 -23.45 31.86 -17.12
CA THR C 215 -22.45 30.96 -17.60
C THR C 215 -22.27 29.78 -16.66
N ALA C 216 -23.24 29.51 -15.82
CA ALA C 216 -23.07 28.45 -14.85
C ALA C 216 -23.01 27.05 -15.49
N GLN C 217 -22.11 26.25 -14.98
CA GLN C 217 -21.86 24.91 -15.45
C GLN C 217 -22.32 23.94 -14.35
N VAL C 218 -22.43 22.66 -14.65
CA VAL C 218 -22.85 21.69 -13.65
C VAL C 218 -21.63 20.94 -13.11
N PRO C 219 -21.46 20.96 -11.78
CA PRO C 219 -20.33 20.28 -11.15
C PRO C 219 -20.62 18.81 -10.85
N CYS C 220 -19.59 17.98 -10.82
CA CYS C 220 -19.73 16.65 -10.20
C CYS C 220 -18.41 16.32 -9.53
N THR C 221 -18.41 15.29 -8.69
CA THR C 221 -17.21 15.00 -7.91
C THR C 221 -16.41 13.79 -8.42
N LEU C 222 -17.01 12.99 -9.29
CA LEU C 222 -16.25 11.96 -10.01
C LEU C 222 -16.73 11.92 -11.46
N PRO C 223 -15.81 11.87 -12.43
CA PRO C 223 -16.25 11.62 -13.80
C PRO C 223 -16.95 10.26 -13.85
N GLN C 224 -17.97 10.09 -14.69
CA GLN C 224 -18.72 8.84 -14.64
C GLN C 224 -17.86 7.59 -14.89
N GLU C 225 -16.89 7.66 -15.80
CA GLU C 225 -16.04 6.52 -16.09
C GLU C 225 -15.14 6.13 -14.92
N PHE C 226 -14.89 7.05 -13.98
CA PHE C 226 -14.20 6.70 -12.74
C PHE C 226 -15.11 5.80 -11.91
N VAL C 227 -16.39 6.16 -11.84
CA VAL C 227 -17.36 5.34 -11.10
C VAL C 227 -17.40 3.92 -11.65
N SER C 228 -17.57 3.77 -12.97
CA SER C 228 -17.66 2.42 -13.52
C SER C 228 -16.35 1.66 -13.35
N HIS C 229 -15.22 2.39 -13.45
CA HIS C 229 -13.92 1.78 -13.19
C HIS C 229 -13.85 1.19 -11.76
N PHE C 230 -14.30 1.96 -10.76
CA PHE C 230 -14.26 1.46 -9.38
C PHE C 230 -15.18 0.25 -9.20
N VAL C 231 -16.39 0.32 -9.76
CA VAL C 231 -17.34 -0.80 -9.71
C VAL C 231 -16.76 -2.08 -10.33
N GLU C 232 -16.17 -1.90 -11.50
CA GLU C 232 -15.57 -3.01 -12.24
C GLU C 232 -14.40 -3.67 -11.51
N GLN C 233 -13.55 -2.89 -10.87
CA GLN C 233 -12.31 -3.42 -10.33
C GLN C 233 -12.49 -4.05 -8.96
N GLN C 234 -13.40 -3.51 -8.16
CA GLN C 234 -13.58 -3.95 -6.77
C GLN C 234 -12.21 -4.05 -6.10
N ALA C 235 -11.43 -2.99 -6.24
CA ALA C 235 -10.04 -3.00 -5.78
C ALA C 235 -9.97 -2.88 -4.28
N PRO C 236 -9.04 -3.62 -3.66
CA PRO C 236 -8.85 -3.42 -2.22
C PRO C 236 -8.22 -2.06 -1.99
N VAL C 237 -8.67 -1.37 -0.96
CA VAL C 237 -8.09 -0.09 -0.61
C VAL C 237 -6.93 -0.39 0.32
N ARG C 238 -5.72 -0.04 -0.09
CA ARG C 238 -4.51 -0.43 0.64
C ARG C 238 -3.80 0.70 1.33
N GLY C 239 -4.47 1.84 1.41
CA GLY C 239 -3.92 3.00 2.07
C GLY C 239 -5.03 3.99 2.37
N GLU C 240 -4.68 5.07 3.05
CA GLU C 240 -5.66 6.06 3.47
C GLU C 240 -6.09 6.99 2.33
N ALA C 241 -5.25 7.14 1.32
CA ALA C 241 -5.58 7.93 0.14
C ALA C 241 -4.72 7.46 -1.04
N ALA C 242 -5.18 7.72 -2.25
CA ALA C 242 -4.41 7.39 -3.44
C ALA C 242 -3.84 8.66 -4.07
N LEU C 243 -2.52 8.74 -4.15
CA LEU C 243 -1.86 9.87 -4.82
C LEU C 243 -1.94 9.66 -6.32
N LEU C 244 -2.50 10.64 -7.02
CA LEU C 244 -2.56 10.62 -8.48
C LEU C 244 -1.72 11.74 -9.05
N HIS C 245 -1.18 11.52 -10.24
CA HIS C 245 -0.60 12.58 -11.04
C HIS C 245 -1.53 12.88 -12.20
N TYR C 246 -1.64 14.16 -12.58
CA TYR C 246 -2.41 14.55 -13.76
C TYR C 246 -1.39 14.82 -14.85
N VAL C 247 -1.30 13.97 -15.86
CA VAL C 247 -0.20 14.04 -16.81
C VAL C 247 -0.58 14.43 -18.24
N ASP C 248 0.17 15.37 -18.83
CA ASP C 248 -0.10 15.80 -20.19
C ASP C 248 0.20 14.64 -21.11
N PRO C 249 -0.79 14.18 -21.90
CA PRO C 249 -0.55 12.95 -22.66
C PRO C 249 0.32 13.18 -23.90
N ASP C 250 0.57 14.44 -24.23
CA ASP C 250 1.41 14.73 -25.38
C ASP C 250 2.88 14.95 -25.03
N THR C 251 3.14 15.61 -23.90
CA THR C 251 4.51 15.87 -23.45
C THR C 251 4.97 14.89 -22.37
N HIS C 252 3.99 14.20 -21.77
CA HIS C 252 4.22 13.21 -20.70
C HIS C 252 4.71 13.85 -19.41
N ARG C 253 4.51 15.15 -19.29
CA ARG C 253 4.92 15.88 -18.10
C ARG C 253 3.85 15.82 -17.02
N ASN C 254 4.25 15.74 -15.76
CA ASN C 254 3.32 15.77 -14.63
C ASN C 254 2.86 17.20 -14.39
N LEU C 255 1.56 17.44 -14.50
CA LEU C 255 1.03 18.79 -14.37
C LEU C 255 0.54 19.10 -12.97
N GLY C 256 0.44 18.08 -12.12
CA GLY C 256 -0.01 18.32 -10.76
C GLY C 256 -0.36 17.07 -9.97
N GLU C 257 -0.28 17.19 -8.64
CA GLU C 257 -0.61 16.13 -7.71
C GLU C 257 -2.03 16.29 -7.19
N PHE C 258 -2.75 15.17 -7.12
CA PHE C 258 -4.11 15.13 -6.61
C PHE C 258 -4.23 13.94 -5.66
N LYS C 259 -5.16 14.03 -4.71
CA LYS C 259 -5.45 12.90 -3.84
C LYS C 259 -6.85 12.34 -4.07
N LEU C 260 -6.92 11.02 -4.21
CA LEU C 260 -8.18 10.33 -4.37
C LEU C 260 -8.49 9.58 -3.08
N TYR C 261 -9.58 9.97 -2.43
CA TYR C 261 -9.93 9.43 -1.12
C TYR C 261 -10.85 8.23 -1.22
N PRO C 262 -10.75 7.30 -0.25
CA PRO C 262 -11.55 6.07 -0.26
C PRO C 262 -13.05 6.32 -0.40
N ASP C 263 -13.55 7.40 0.19
CA ASP C 263 -14.99 7.71 0.10
C ASP C 263 -15.41 8.12 -1.31
N GLY C 264 -14.45 8.33 -2.20
CA GLY C 264 -14.76 8.55 -3.61
C GLY C 264 -14.86 10.02 -4.01
N PHE C 265 -13.81 10.77 -3.75
CA PHE C 265 -13.73 12.15 -4.23
C PHE C 265 -12.26 12.51 -4.36
N ILE C 266 -11.98 13.62 -5.06
CA ILE C 266 -10.61 14.00 -5.37
C ILE C 266 -10.35 15.40 -4.84
N THR C 267 -9.14 15.60 -4.28
CA THR C 267 -8.74 16.93 -3.83
C THR C 267 -7.41 17.34 -4.46
N CYS C 268 -7.13 18.63 -4.36
CA CYS C 268 -5.81 19.20 -4.65
C CYS C 268 -5.58 20.29 -3.62
N VAL C 269 -4.39 20.88 -3.65
CA VAL C 269 -4.19 22.15 -2.96
C VAL C 269 -4.05 23.19 -4.05
N PRO C 270 -5.05 24.07 -4.17
CA PRO C 270 -4.98 25.03 -5.27
C PRO C 270 -4.02 26.17 -4.96
N ASN C 271 -3.24 26.56 -5.97
CA ASN C 271 -2.43 27.75 -5.84
C ASN C 271 -3.30 28.94 -5.49
N THR C 272 -2.76 29.78 -4.62
CA THR C 272 -3.47 30.97 -4.19
C THR C 272 -3.76 31.82 -5.43
N GLY C 273 -5.03 32.18 -5.61
CA GLY C 273 -5.45 32.92 -6.77
C GLY C 273 -5.65 32.06 -8.01
N GLY C 274 -5.43 30.76 -7.86
CA GLY C 274 -5.58 29.82 -8.97
C GLY C 274 -6.19 28.49 -8.58
N GLY C 275 -5.68 27.43 -9.22
CA GLY C 275 -6.18 26.09 -8.98
C GLY C 275 -6.30 25.28 -10.26
N PRO C 276 -6.96 24.12 -10.17
CA PRO C 276 -6.97 23.19 -11.31
C PRO C 276 -7.73 23.74 -12.51
N GLN C 277 -8.50 24.81 -12.32
CA GLN C 277 -9.15 25.48 -13.43
C GLN C 277 -8.15 26.09 -14.43
N ASN C 278 -6.89 26.23 -14.01
CA ASN C 278 -5.87 26.78 -14.89
C ASN C 278 -5.06 25.72 -15.60
N LEU C 279 -5.37 24.46 -15.34
CA LEU C 279 -4.68 23.37 -16.00
C LEU C 279 -5.34 23.08 -17.33
N PRO C 280 -4.58 22.51 -18.28
CA PRO C 280 -5.23 22.07 -19.51
C PRO C 280 -6.24 20.96 -19.22
N THR C 281 -7.20 20.80 -20.11
CA THR C 281 -8.31 19.91 -19.85
C THR C 281 -8.21 18.58 -20.59
N ASN C 282 -7.01 18.27 -21.11
CA ASN C 282 -6.80 17.03 -21.84
C ASN C 282 -5.82 16.09 -21.15
N GLY C 283 -5.56 16.31 -19.87
CA GLY C 283 -4.63 15.49 -19.13
C GLY C 283 -5.23 14.17 -18.66
N VAL C 284 -4.36 13.23 -18.27
CA VAL C 284 -4.81 11.92 -17.83
C VAL C 284 -4.38 11.72 -16.38
N PHE C 285 -5.33 11.31 -15.53
CA PHE C 285 -4.96 10.97 -14.16
C PHE C 285 -4.30 9.61 -14.13
N VAL C 286 -3.24 9.48 -13.33
CA VAL C 286 -2.49 8.23 -13.22
C VAL C 286 -2.21 7.94 -11.76
N PHE C 287 -2.56 6.73 -11.31
CA PHE C 287 -2.23 6.32 -9.94
C PHE C 287 -0.72 6.27 -9.75
N SER C 288 -0.25 6.87 -8.66
CA SER C 288 1.16 6.90 -8.33
C SER C 288 1.50 6.00 -7.15
N SER C 289 0.81 6.22 -6.02
CA SER C 289 1.08 5.42 -4.82
C SER C 289 -0.04 5.54 -3.80
N TRP C 290 -0.15 4.56 -2.91
CA TRP C 290 -0.99 4.69 -1.73
C TRP C 290 -0.22 5.55 -0.74
N VAL C 291 -0.95 6.49 -0.09
CA VAL C 291 -0.34 7.42 0.88
C VAL C 291 -1.27 7.85 2.03
N SER C 292 -0.67 8.30 3.13
CA SER C 292 -1.37 8.84 4.30
C SER C 292 -2.39 9.88 3.85
N ARG C 293 -3.44 10.00 4.65
CA ARG C 293 -4.50 10.93 4.39
C ARG C 293 -3.78 12.24 4.42
N TYR C 294 -2.79 12.35 5.31
CA TYR C 294 -2.18 13.64 5.49
C TYR C 294 -0.95 13.88 4.62
N TYR C 295 -0.82 13.09 3.56
CA TYR C 295 0.20 13.37 2.54
C TYR C 295 0.02 14.81 2.06
N GLN C 296 1.10 15.57 2.04
CA GLN C 296 1.06 16.96 1.78
C GLN C 296 1.30 17.27 0.31
N LEU C 297 0.27 17.79 -0.36
CA LEU C 297 0.32 18.02 -1.81
C LEU C 297 1.05 19.31 -2.19
N LYS C 298 1.75 19.29 -3.33
CA LYS C 298 2.26 20.51 -3.96
C LYS C 298 1.09 21.26 -4.57
N PRO C 299 1.00 22.58 -4.34
CA PRO C 299 -0.12 23.34 -4.89
C PRO C 299 -0.16 23.32 -6.43
N VAL C 300 -1.36 23.35 -7.00
CA VAL C 300 -1.53 23.26 -8.46
C VAL C 300 -2.19 24.49 -9.07
N GLY C 301 -1.84 24.79 -10.33
CA GLY C 301 -2.54 25.79 -11.10
C GLY C 301 -2.28 27.22 -10.68
N LEU D 7 18.02 5.49 41.66
CA LEU D 7 18.78 4.42 41.00
C LEU D 7 17.82 3.35 40.52
N THR D 8 18.00 2.87 39.30
CA THR D 8 17.27 1.68 38.84
C THR D 8 18.21 0.67 38.19
N VAL D 9 17.75 -0.56 38.06
CA VAL D 9 18.40 -1.59 37.26
C VAL D 9 17.40 -2.01 36.18
N PRO D 10 17.87 -2.67 35.10
CA PRO D 10 16.95 -3.01 34.00
C PRO D 10 15.70 -3.75 34.44
N ASN D 11 14.54 -3.24 34.03
CA ASN D 11 13.26 -3.90 34.25
C ASN D 11 13.02 -4.96 33.18
N ILE D 12 13.88 -5.98 33.21
CA ILE D 12 13.90 -7.04 32.20
C ILE D 12 14.21 -8.36 32.89
N PRO D 13 13.44 -9.42 32.58
CA PRO D 13 13.72 -10.70 33.25
C PRO D 13 15.06 -11.26 32.84
N LEU D 14 15.66 -12.03 33.73
CA LEU D 14 17.03 -12.51 33.56
C LEU D 14 17.24 -13.24 32.24
N ASN D 15 16.28 -14.07 31.85
CA ASN D 15 16.42 -14.82 30.62
C ASN D 15 16.30 -13.96 29.36
N ASN D 16 15.93 -12.69 29.52
CA ASN D 16 15.93 -11.74 28.41
C ASN D 16 17.12 -10.79 28.47
N LEU D 17 18.10 -11.10 29.31
CA LEU D 17 19.35 -10.33 29.40
C LEU D 17 20.49 -11.04 28.68
N ALA D 18 21.36 -10.26 28.05
CA ALA D 18 22.49 -10.82 27.30
C ALA D 18 23.76 -10.98 28.14
N ASN D 19 24.55 -11.99 27.81
CA ASN D 19 25.88 -12.13 28.38
C ASN D 19 26.76 -10.97 27.90
N SER D 20 27.65 -10.51 28.77
CA SER D 20 28.55 -9.40 28.45
C SER D 20 29.94 -9.85 27.97
N ARG D 21 30.17 -11.17 27.93
CA ARG D 21 31.47 -11.70 27.50
C ARG D 21 31.38 -12.54 26.23
N VAL D 22 30.18 -13.03 25.91
CA VAL D 22 29.93 -13.72 24.64
C VAL D 22 28.57 -13.30 24.09
N PRO D 23 28.40 -13.39 22.76
CA PRO D 23 27.09 -13.01 22.20
C PRO D 23 26.08 -14.14 22.39
N ALA D 24 25.41 -14.10 23.53
CA ALA D 24 24.50 -15.17 23.94
C ALA D 24 23.59 -14.60 25.01
N MET D 25 22.50 -15.31 25.32
CA MET D 25 21.53 -14.83 26.32
C MET D 25 21.62 -15.61 27.65
N ILE D 26 21.62 -14.89 28.77
CA ILE D 26 21.87 -15.52 30.07
C ILE D 26 20.87 -16.64 30.28
N ASN D 27 21.31 -17.80 30.76
CA ASN D 27 20.31 -18.80 31.07
C ASN D 27 20.28 -19.27 32.51
N LYS D 28 21.24 -18.84 33.32
CA LYS D 28 21.16 -19.03 34.77
C LYS D 28 22.17 -18.19 35.54
N MET D 29 21.97 -18.12 36.85
CA MET D 29 22.94 -17.54 37.77
C MET D 29 23.63 -18.66 38.51
N THR D 30 24.83 -18.41 39.00
CA THR D 30 25.48 -19.36 39.91
C THR D 30 26.51 -18.66 40.78
N VAL D 31 27.03 -19.38 41.77
CA VAL D 31 28.17 -18.89 42.52
C VAL D 31 29.31 -19.84 42.20
N SER D 32 30.55 -19.39 42.39
CA SER D 32 31.69 -20.25 42.10
C SER D 32 31.84 -21.35 43.15
N THR D 33 32.36 -22.50 42.71
CA THR D 33 32.55 -23.64 43.60
C THR D 33 33.46 -23.28 44.78
N ASP D 34 34.52 -22.54 44.48
CA ASP D 34 35.32 -21.90 45.52
C ASP D 34 34.83 -20.47 45.64
N GLN D 35 34.11 -20.15 46.72
CA GLN D 35 33.50 -18.82 46.83
C GLN D 35 34.51 -17.72 47.11
N ASN D 36 35.77 -18.08 47.34
CA ASN D 36 36.85 -17.10 47.44
C ASN D 36 37.57 -16.84 46.10
N GLN D 37 37.12 -17.49 45.04
CA GLN D 37 37.74 -17.30 43.72
C GLN D 37 37.65 -15.85 43.24
N VAL D 38 38.78 -15.32 42.80
CA VAL D 38 38.84 -13.96 42.27
C VAL D 38 38.87 -14.01 40.75
N VAL D 39 38.05 -13.18 40.11
CA VAL D 39 38.08 -13.06 38.66
C VAL D 39 38.52 -11.66 38.24
N GLN D 40 38.85 -11.52 36.96
CA GLN D 40 39.30 -10.23 36.44
C GLN D 40 38.82 -10.03 35.01
N PHE D 41 37.56 -10.37 34.76
CA PHE D 41 36.97 -10.20 33.42
C PHE D 41 37.17 -8.76 32.92
N GLN D 42 37.40 -8.62 31.61
CA GLN D 42 37.63 -7.29 31.04
C GLN D 42 36.41 -6.75 30.32
N ASN D 43 35.49 -7.64 29.96
CA ASN D 43 34.18 -7.24 29.45
C ASN D 43 33.12 -7.44 30.53
N GLY D 44 31.99 -6.77 30.36
CA GLY D 44 30.97 -6.78 31.41
C GLY D 44 31.35 -5.96 32.63
N ARG D 45 32.27 -5.01 32.47
CA ARG D 45 32.77 -4.21 33.59
C ARG D 45 32.36 -2.75 33.48
N CYS D 46 31.67 -2.24 34.50
CA CYS D 46 31.18 -0.88 34.49
C CYS D 46 30.83 -0.52 35.92
N THR D 47 31.22 0.68 36.35
CA THR D 47 30.83 1.13 37.68
C THR D 47 29.36 1.52 37.68
N LEU D 48 28.79 1.56 38.88
CA LEU D 48 27.40 1.90 39.06
C LEU D 48 27.12 3.33 38.57
N GLU D 49 28.12 4.20 38.65
CA GLU D 49 27.99 5.57 38.14
C GLU D 49 28.02 5.67 36.62
N GLY D 50 28.35 4.57 35.94
CA GLY D 50 28.36 4.54 34.48
C GLY D 50 29.71 4.67 33.82
N GLN D 51 30.79 4.34 34.54
CA GLN D 51 32.12 4.36 33.96
C GLN D 51 32.51 2.98 33.42
N LEU D 52 32.63 2.84 32.10
CA LEU D 52 33.10 1.60 31.49
C LEU D 52 34.52 1.28 31.92
N LEU D 53 34.78 0.00 32.18
CA LEU D 53 36.11 -0.47 32.56
C LEU D 53 36.60 -1.53 31.58
N GLY D 54 37.92 -1.68 31.51
CA GLY D 54 38.51 -2.69 30.62
C GLY D 54 38.15 -2.40 29.17
N THR D 55 37.76 -3.45 28.46
CA THR D 55 37.38 -3.33 27.05
C THR D 55 35.87 -3.29 26.86
N THR D 56 35.14 -3.18 27.97
CA THR D 56 33.68 -3.23 27.94
C THR D 56 33.03 -2.19 27.02
N PRO D 57 32.21 -2.64 26.05
CA PRO D 57 31.44 -1.72 25.21
C PRO D 57 30.04 -1.49 25.75
N VAL D 58 29.23 -0.70 25.06
CA VAL D 58 27.92 -0.34 25.55
C VAL D 58 26.84 -1.32 25.08
N SER D 59 26.92 -1.76 23.84
CA SER D 59 25.86 -2.62 23.30
C SER D 59 26.17 -4.11 23.29
N ALA D 60 25.14 -4.93 23.45
CA ALA D 60 25.30 -6.38 23.35
C ALA D 60 25.84 -6.81 21.98
N SER D 61 25.63 -5.99 20.94
CA SER D 61 26.12 -6.33 19.61
C SER D 61 27.55 -5.84 19.35
N GLN D 62 28.23 -5.40 20.41
CA GLN D 62 29.67 -5.08 20.37
C GLN D 62 30.46 -6.11 21.14
N VAL D 63 29.75 -7.02 21.81
CA VAL D 63 30.42 -7.96 22.73
C VAL D 63 31.17 -9.07 22.03
N ALA D 64 32.48 -9.19 22.31
CA ALA D 64 33.31 -10.28 21.76
C ALA D 64 33.37 -10.23 20.23
N ARG D 65 33.66 -9.05 19.72
CA ARG D 65 33.81 -8.82 18.29
C ARG D 65 35.18 -8.26 17.98
N ILE D 66 35.62 -8.46 16.73
CA ILE D 66 36.94 -8.04 16.28
C ILE D 66 36.82 -7.41 14.90
N ARG D 67 37.57 -6.33 14.67
CA ARG D 67 37.66 -5.73 13.35
C ARG D 67 39.11 -5.34 13.07
N GLY D 68 39.57 -5.52 11.84
CA GLY D 68 40.92 -5.08 11.51
C GLY D 68 41.19 -5.27 10.02
N LYS D 69 42.36 -4.82 9.59
CA LYS D 69 42.79 -4.95 8.19
C LYS D 69 43.79 -6.08 8.04
N VAL D 70 43.57 -6.94 7.06
CA VAL D 70 44.48 -8.07 6.83
C VAL D 70 45.84 -7.56 6.36
N PHE D 71 46.90 -8.08 6.96
CA PHE D 71 48.27 -7.79 6.55
C PHE D 71 49.12 -9.07 6.49
N SER D 72 50.26 -8.98 5.82
CA SER D 72 51.16 -10.12 5.68
C SER D 72 52.13 -10.23 6.86
N THR D 73 52.19 -11.46 7.40
CA THR D 73 53.04 -11.79 8.52
C THR D 73 53.92 -12.99 8.16
N ALA D 74 55.06 -13.11 8.82
CA ALA D 74 56.10 -14.02 8.44
C ALA D 74 55.60 -15.38 8.01
N SER D 75 54.55 -15.86 8.65
CA SER D 75 53.99 -17.13 8.27
C SER D 75 52.65 -17.14 7.59
N GLY D 76 52.04 -15.99 7.43
CA GLY D 76 50.75 -15.96 6.81
C GLY D 76 50.21 -14.57 6.87
N LYS D 77 49.09 -14.48 7.55
CA LYS D 77 48.32 -13.26 7.62
C LYS D 77 47.87 -12.95 9.04
N GLY D 78 47.68 -11.68 9.31
CA GLY D 78 47.24 -11.21 10.62
C GLY D 78 46.27 -10.05 10.45
N LEU D 79 45.75 -9.52 11.55
CA LEU D 79 44.93 -8.32 11.50
C LEU D 79 45.58 -7.16 12.21
N ASN D 80 45.62 -6.02 11.54
CA ASN D 80 45.95 -4.75 12.20
C ASN D 80 44.63 -4.20 12.69
N LEU D 81 44.42 -4.25 14.00
CA LEU D 81 43.10 -3.98 14.60
C LEU D 81 42.61 -2.54 14.48
N THR D 82 41.30 -2.40 14.32
CA THR D 82 40.65 -1.11 14.46
C THR D 82 39.55 -1.23 15.50
N GLU D 83 38.94 -0.11 15.85
CA GLU D 83 37.69 -0.22 16.60
C GLU D 83 36.60 -0.83 15.72
N LEU D 84 35.52 -1.30 16.34
CA LEU D 84 34.50 -2.04 15.60
C LEU D 84 33.75 -1.18 14.60
N ASP D 85 33.79 0.14 14.78
CA ASP D 85 33.12 1.04 13.86
C ASP D 85 34.05 1.43 12.71
N GLY D 86 35.24 0.82 12.71
CA GLY D 86 36.20 1.08 11.64
C GLY D 86 37.12 2.24 11.89
N THR D 87 36.91 2.97 12.97
CA THR D 87 37.81 4.08 13.27
C THR D 87 39.10 3.51 13.84
N PRO D 88 40.19 4.28 13.75
CA PRO D 88 41.48 3.74 14.19
C PRO D 88 41.51 3.33 15.67
N TYR D 89 42.24 2.25 15.88
CA TYR D 89 42.58 1.74 17.20
C TYR D 89 44.03 2.10 17.51
N HIS D 90 44.15 2.94 18.53
CA HIS D 90 45.44 3.44 18.99
C HIS D 90 45.75 2.84 20.34
N ALA D 91 46.94 2.26 20.42
CA ALA D 91 47.41 1.54 21.58
C ALA D 91 47.61 2.56 22.71
N PHE D 92 46.74 2.49 23.71
CA PHE D 92 46.64 3.51 24.74
C PHE D 92 46.21 2.86 26.05
N GLU D 93 45.33 3.56 26.77
CA GLU D 93 44.91 3.15 28.10
C GLU D 93 44.19 1.80 28.13
N SER D 94 43.34 1.53 27.13
CA SER D 94 42.55 0.31 27.20
C SER D 94 43.40 -0.89 26.87
N PRO D 95 42.85 -2.08 27.31
CA PRO D 95 43.64 -3.29 27.00
C PRO D 95 43.65 -3.69 25.53
N ALA D 96 42.63 -3.27 24.78
CA ALA D 96 42.42 -3.70 23.40
C ALA D 96 41.30 -2.83 22.81
N PRO D 97 40.95 -3.03 21.53
CA PRO D 97 39.76 -2.31 21.06
C PRO D 97 38.52 -2.66 21.88
N LEU D 98 37.60 -1.71 21.97
CA LEU D 98 36.37 -1.97 22.73
C LEU D 98 35.61 -3.15 22.14
N GLY D 99 35.14 -4.02 23.04
CA GLY D 99 34.41 -5.20 22.62
C GLY D 99 35.29 -6.41 22.33
N PHE D 100 36.60 -6.23 22.27
CA PHE D 100 37.51 -7.33 21.95
C PHE D 100 37.28 -8.48 22.93
N PRO D 101 37.27 -9.74 22.42
CA PRO D 101 36.97 -10.85 23.35
C PRO D 101 37.94 -10.95 24.52
N ASP D 102 37.45 -11.45 25.65
CA ASP D 102 38.29 -11.61 26.84
C ASP D 102 38.28 -13.03 27.37
N ILE D 103 38.07 -14.00 26.48
CA ILE D 103 38.08 -15.40 26.91
C ILE D 103 39.52 -15.90 26.82
N GLY D 104 40.19 -16.01 27.96
CA GLY D 104 41.63 -16.27 27.96
C GLY D 104 42.07 -17.70 27.73
N ALA D 105 43.33 -17.84 27.33
CA ALA D 105 44.02 -19.13 27.30
C ALA D 105 43.30 -20.21 26.50
N CYS D 106 42.94 -19.86 25.28
CA CYS D 106 42.29 -20.79 24.37
C CYS D 106 42.44 -20.28 22.96
N ASP D 107 42.24 -21.15 21.98
CA ASP D 107 42.12 -20.72 20.60
C ASP D 107 40.76 -20.10 20.37
N TRP D 108 40.72 -19.08 19.53
CA TRP D 108 39.47 -18.45 19.13
C TRP D 108 39.16 -18.76 17.68
N HIS D 109 37.87 -18.81 17.35
CA HIS D 109 37.44 -18.98 15.97
C HIS D 109 36.42 -17.91 15.68
N VAL D 110 36.82 -16.97 14.83
CA VAL D 110 36.11 -15.71 14.67
C VAL D 110 35.58 -15.63 13.26
N SER D 111 34.26 -15.46 13.12
CA SER D 111 33.65 -15.44 11.79
C SER D 111 33.51 -14.01 11.29
N THR D 112 34.22 -13.68 10.22
CA THR D 112 34.27 -12.30 9.71
C THR D 112 33.79 -12.17 8.26
N PHE D 113 33.38 -10.96 7.92
CA PHE D 113 33.11 -10.61 6.52
C PHE D 113 33.87 -9.35 6.13
N LYS D 114 34.06 -9.17 4.83
CA LYS D 114 34.72 -7.99 4.30
C LYS D 114 33.72 -6.86 4.17
N VAL D 115 34.01 -5.75 4.87
CA VAL D 115 33.13 -4.58 4.85
C VAL D 115 33.31 -3.82 3.54
N LEU D 119 29.41 -7.97 -2.35
CA LEU D 119 29.78 -9.34 -2.00
C LEU D 119 29.28 -10.32 -3.05
N SER D 120 30.12 -11.31 -3.34
CA SER D 120 29.76 -12.45 -4.19
C SER D 120 30.33 -13.74 -3.64
N GLY D 121 29.68 -14.87 -3.90
CA GLY D 121 30.19 -16.12 -3.37
C GLY D 121 29.92 -16.21 -1.88
N ASP D 122 30.72 -17.01 -1.19
CA ASP D 122 30.67 -17.11 0.27
C ASP D 122 31.44 -15.93 0.87
N PRO D 123 30.75 -15.04 1.60
CA PRO D 123 31.41 -13.83 2.13
C PRO D 123 32.16 -14.06 3.43
N MET D 124 32.02 -15.23 4.03
CA MET D 124 32.55 -15.44 5.37
C MET D 124 33.93 -16.07 5.39
N SER D 125 34.75 -15.63 6.33
CA SER D 125 36.02 -16.25 6.63
C SER D 125 36.03 -16.63 8.11
N ARG D 126 36.55 -17.80 8.45
CA ARG D 126 36.76 -18.12 9.84
C ARG D 126 38.23 -17.90 10.16
N LEU D 127 38.49 -16.97 11.06
CA LEU D 127 39.85 -16.66 11.49
C LEU D 127 40.16 -17.48 12.72
N ASP D 128 41.19 -18.32 12.62
CA ASP D 128 41.59 -19.18 13.72
C ASP D 128 42.78 -18.53 14.42
N VAL D 129 42.56 -18.11 15.67
CA VAL D 129 43.50 -17.25 16.38
C VAL D 129 44.04 -17.94 17.62
N LYS D 130 45.36 -17.98 17.75
CA LYS D 130 46.02 -18.57 18.91
C LYS D 130 46.49 -17.47 19.84
N GLN D 131 46.42 -17.70 21.14
CA GLN D 131 46.91 -16.74 22.12
C GLN D 131 48.36 -17.05 22.48
N ASN D 132 49.20 -17.02 21.46
CA ASN D 132 50.64 -17.24 21.65
C ASN D 132 51.42 -15.95 21.40
N ALA D 133 52.70 -16.06 21.08
CA ALA D 133 53.55 -14.87 21.03
C ALA D 133 53.08 -13.69 20.19
N PRO D 134 52.59 -13.94 18.96
CA PRO D 134 52.11 -12.81 18.15
C PRO D 134 50.77 -12.22 18.58
N PHE D 135 50.14 -12.78 19.61
CA PHE D 135 48.87 -12.25 20.09
C PHE D 135 49.15 -11.00 20.91
N ALA D 136 48.92 -9.83 20.30
CA ALA D 136 49.28 -8.56 20.93
C ALA D 136 48.16 -7.54 20.77
N PRO D 137 46.99 -7.83 21.34
CA PRO D 137 45.85 -6.92 21.11
C PRO D 137 46.07 -5.51 21.67
N HIS D 138 46.86 -5.37 22.73
CA HIS D 138 47.07 -4.02 23.23
C HIS D 138 47.83 -3.18 22.22
N LEU D 139 48.82 -3.78 21.56
CA LEU D 139 49.56 -3.06 20.53
C LEU D 139 48.77 -2.90 19.27
N GLY D 140 47.75 -3.73 19.09
CA GLY D 140 46.85 -3.57 17.97
C GLY D 140 46.99 -4.60 16.88
N SER D 141 47.60 -5.75 17.18
CA SER D 141 47.71 -6.78 16.16
C SER D 141 47.57 -8.20 16.71
N ILE D 142 46.96 -9.05 15.90
CA ILE D 142 46.90 -10.48 16.17
C ILE D 142 47.19 -11.22 14.87
N GLU D 143 47.58 -12.48 14.98
CA GLU D 143 47.74 -13.32 13.79
C GLU D 143 46.65 -14.38 13.71
N PHE D 144 46.42 -14.92 12.52
CA PHE D 144 45.46 -16.01 12.36
C PHE D 144 45.86 -16.94 11.24
N THR D 145 45.25 -18.12 11.25
CA THR D 145 45.24 -18.97 10.06
C THR D 145 43.78 -19.09 9.65
N SER D 146 43.55 -19.39 8.38
CA SER D 146 42.18 -19.51 7.87
C SER D 146 42.16 -20.42 6.67
N ASP D 147 41.10 -21.22 6.55
CA ASP D 147 40.94 -22.04 5.35
C ASP D 147 40.35 -21.24 4.19
N GLN D 148 39.93 -20.02 4.49
CA GLN D 148 39.45 -19.10 3.45
C GLN D 148 40.56 -18.10 3.13
N ASP D 149 40.24 -17.07 2.35
CA ASP D 149 41.25 -16.09 1.95
C ASP D 149 40.80 -14.66 2.24
N PRO D 150 40.65 -14.31 3.52
CA PRO D 150 40.18 -12.96 3.85
C PRO D 150 41.20 -11.89 3.43
N THR D 151 40.69 -10.77 2.93
CA THR D 151 41.53 -9.62 2.58
C THR D 151 40.85 -8.34 3.08
N GLY D 152 41.63 -7.26 3.16
CA GLY D 152 41.05 -5.97 3.52
C GLY D 152 40.45 -5.87 4.91
N ASP D 153 39.38 -5.09 5.00
CA ASP D 153 38.73 -4.73 6.26
C ASP D 153 37.73 -5.81 6.69
N GLN D 154 38.11 -6.61 7.68
CA GLN D 154 37.28 -7.73 8.13
C GLN D 154 36.64 -7.39 9.47
N LEU D 155 35.33 -7.65 9.57
CA LEU D 155 34.59 -7.43 10.80
C LEU D 155 33.89 -8.70 11.18
N GLY D 156 33.99 -9.10 12.44
CA GLY D 156 33.33 -10.33 12.82
C GLY D 156 33.16 -10.57 14.30
N THR D 157 32.72 -11.78 14.62
CA THR D 157 32.26 -12.10 15.96
C THR D 157 32.86 -13.43 16.38
N LEU D 158 33.26 -13.52 17.64
CA LEU D 158 33.72 -14.81 18.18
C LEU D 158 32.63 -15.88 18.02
N ALA D 159 32.96 -16.96 17.34
CA ALA D 159 31.97 -18.00 17.06
C ALA D 159 32.07 -19.19 18.01
N TRP D 160 33.30 -19.60 18.33
CA TRP D 160 33.53 -20.70 19.24
C TRP D 160 34.96 -20.68 19.72
N VAL D 161 35.25 -21.42 20.78
CA VAL D 161 36.60 -21.51 21.33
C VAL D 161 37.00 -22.97 21.53
N SER D 162 38.31 -23.22 21.58
CA SER D 162 38.84 -24.58 21.67
C SER D 162 40.19 -24.54 22.39
N PRO D 163 40.71 -25.71 22.81
CA PRO D 163 41.94 -25.69 23.61
C PRO D 163 43.17 -25.17 22.86
N SER D 164 44.09 -24.54 23.58
CA SER D 164 45.30 -23.99 22.96
C SER D 164 46.23 -25.07 22.45
N THR D 165 46.24 -26.20 23.16
CA THR D 165 47.03 -27.35 22.78
C THR D 165 46.19 -28.60 22.95
N SER D 166 46.50 -29.64 22.19
CA SER D 166 45.78 -30.90 22.30
C SER D 166 45.96 -31.51 23.69
N GLY D 167 44.84 -31.87 24.33
CA GLY D 167 44.87 -32.43 25.66
C GLY D 167 44.54 -31.42 26.75
N ALA D 168 44.61 -30.14 26.41
CA ALA D 168 44.28 -29.08 27.36
C ALA D 168 42.77 -28.86 27.37
N ARG D 169 42.26 -28.17 28.38
CA ARG D 169 40.85 -27.82 28.40
C ARG D 169 40.69 -26.31 28.44
N VAL D 170 39.56 -25.83 27.94
CA VAL D 170 39.30 -24.39 27.96
C VAL D 170 38.70 -24.02 29.31
N ASP D 171 39.22 -22.95 29.90
CA ASP D 171 38.67 -22.40 31.13
C ASP D 171 38.19 -20.99 30.83
N PRO D 172 36.86 -20.81 30.63
CA PRO D 172 36.36 -19.49 30.21
C PRO D 172 36.34 -18.49 31.37
N TRP D 173 36.81 -18.89 32.53
CA TRP D 173 36.94 -17.97 33.67
C TRP D 173 38.26 -17.21 33.63
N LYS D 174 39.14 -17.56 32.68
CA LYS D 174 40.41 -16.86 32.51
C LYS D 174 40.27 -15.69 31.52
N ILE D 175 41.19 -14.74 31.63
CA ILE D 175 41.29 -13.64 30.67
C ILE D 175 42.61 -13.74 29.89
N PRO D 176 42.69 -13.05 28.75
CA PRO D 176 43.93 -13.10 27.97
C PRO D 176 45.03 -12.31 28.62
N SER D 177 46.24 -12.53 28.10
CA SER D 177 47.35 -11.63 28.28
C SER D 177 47.36 -10.71 27.05
N TYR D 178 47.17 -9.42 27.27
CA TYR D 178 46.97 -8.48 26.18
C TYR D 178 48.27 -8.05 25.49
N GLY D 179 49.40 -8.45 26.05
CA GLY D 179 50.66 -8.17 25.39
C GLY D 179 51.79 -7.72 26.29
N SER D 180 52.98 -7.63 25.70
CA SER D 180 54.18 -7.29 26.41
C SER D 180 54.24 -5.79 26.58
N THR D 181 53.43 -5.08 25.79
CA THR D 181 53.39 -3.63 25.90
C THR D 181 52.46 -3.15 26.99
N VAL D 182 51.82 -4.09 27.68
CA VAL D 182 50.92 -3.73 28.78
C VAL D 182 51.79 -3.44 29.99
N THR D 183 51.56 -2.28 30.60
CA THR D 183 52.28 -1.88 31.81
C THR D 183 51.27 -1.55 32.90
N GLU D 184 51.76 -0.93 33.98
CA GLU D 184 50.90 -0.48 35.07
C GLU D 184 50.00 0.68 34.66
N SER D 185 50.37 1.37 33.60
CA SER D 185 49.56 2.46 33.05
C SER D 185 48.38 1.95 32.24
N THR D 186 48.35 0.66 31.93
CA THR D 186 47.26 0.15 31.11
C THR D 186 45.99 0.10 31.95
N HIS D 187 44.86 0.41 31.33
CA HIS D 187 43.55 0.26 31.95
C HIS D 187 42.87 -1.11 31.77
N LEU D 188 43.51 -2.15 32.31
CA LEU D 188 42.84 -3.37 32.78
C LEU D 188 41.86 -3.10 33.90
N ALA D 189 40.64 -3.60 33.75
CA ALA D 189 39.70 -3.63 34.84
C ALA D 189 40.32 -4.44 35.97
N PRO D 190 40.15 -3.96 37.21
CA PRO D 190 40.77 -4.60 38.38
C PRO D 190 40.08 -5.89 38.76
N PRO D 191 40.72 -6.70 39.61
CA PRO D 191 40.05 -7.93 40.05
C PRO D 191 38.78 -7.61 40.84
N ILE D 192 37.85 -8.57 40.84
CA ILE D 192 36.66 -8.49 41.67
C ILE D 192 36.88 -9.43 42.83
N PHE D 193 36.98 -8.86 44.03
CA PHE D 193 37.26 -9.63 45.23
C PHE D 193 35.95 -9.92 45.95
N PRO D 194 35.69 -11.19 46.28
CA PRO D 194 34.56 -11.52 47.15
C PRO D 194 34.65 -10.69 48.42
N PRO D 195 33.56 -10.00 48.80
CA PRO D 195 33.77 -8.98 49.84
C PRO D 195 33.73 -9.49 51.27
N GLY D 196 33.57 -10.79 51.46
CA GLY D 196 33.59 -11.34 52.80
C GLY D 196 32.25 -11.62 53.41
N PHE D 197 32.31 -12.27 54.58
CA PHE D 197 31.17 -12.48 55.45
C PHE D 197 30.02 -13.16 54.74
N GLY D 198 30.34 -14.32 54.21
CA GLY D 198 29.39 -15.22 53.58
C GLY D 198 28.86 -14.77 52.24
N GLU D 199 29.27 -13.59 51.75
CA GLU D 199 28.77 -13.17 50.44
C GLU D 199 29.58 -13.84 49.34
N ALA D 200 28.91 -14.14 48.24
CA ALA D 200 29.53 -14.75 47.07
C ALA D 200 29.15 -13.95 45.84
N ILE D 201 30.10 -13.73 44.94
CA ILE D 201 29.83 -13.05 43.67
C ILE D 201 28.88 -13.89 42.83
N VAL D 202 27.90 -13.21 42.24
CA VAL D 202 26.95 -13.83 41.34
C VAL D 202 27.46 -13.80 39.91
N TYR D 203 27.52 -14.97 39.29
CA TYR D 203 27.95 -15.11 37.91
C TYR D 203 26.77 -15.45 37.03
N PHE D 204 26.68 -14.74 35.91
CA PHE D 204 25.61 -14.94 34.94
C PHE D 204 26.13 -15.78 33.79
N MET D 205 25.50 -16.94 33.59
CA MET D 205 26.06 -17.99 32.73
C MET D 205 25.32 -18.12 31.42
N SER D 206 26.06 -18.41 30.34
CA SER D 206 25.45 -18.64 29.03
C SER D 206 26.00 -19.89 28.37
N ASP D 207 25.13 -20.58 27.64
CA ASP D 207 25.57 -21.62 26.75
C ASP D 207 26.42 -21.00 25.64
N PHE D 208 27.49 -21.67 25.25
CA PHE D 208 28.36 -21.18 24.19
C PHE D 208 29.20 -22.36 23.70
N PRO D 209 29.48 -22.42 22.40
CA PRO D 209 30.27 -23.57 21.93
C PRO D 209 31.73 -23.55 22.38
N ILE D 210 32.04 -24.39 23.37
CA ILE D 210 33.39 -24.55 23.88
C ILE D 210 33.76 -26.00 23.60
N VAL D 211 34.76 -26.20 22.75
CA VAL D 211 35.20 -27.56 22.43
C VAL D 211 36.05 -28.03 23.57
N SER D 212 35.71 -29.20 24.11
CA SER D 212 36.44 -29.79 25.22
C SER D 212 36.23 -28.91 26.45
N GLY D 213 34.97 -28.67 26.77
CA GLY D 213 34.58 -27.87 27.92
C GLY D 213 33.17 -28.24 28.34
N ALA D 216 31.86 -25.39 31.11
CA ALA D 216 30.99 -25.67 29.97
C ALA D 216 30.20 -24.44 29.51
N GLN D 217 29.95 -23.51 30.42
CA GLN D 217 29.16 -22.32 30.12
C GLN D 217 30.08 -21.13 30.35
N VAL D 218 29.74 -19.97 29.78
CA VAL D 218 30.62 -18.80 29.93
C VAL D 218 30.03 -17.85 30.97
N PRO D 219 30.83 -17.52 31.99
CA PRO D 219 30.37 -16.62 33.05
C PRO D 219 30.59 -15.16 32.73
N CYS D 220 29.74 -14.29 33.27
CA CYS D 220 30.06 -12.86 33.32
C CYS D 220 29.54 -12.29 34.62
N THR D 221 29.97 -11.08 34.96
CA THR D 221 29.61 -10.52 36.27
C THR D 221 28.53 -9.45 36.19
N LEU D 222 28.26 -8.94 34.98
CA LEU D 222 27.08 -8.08 34.75
C LEU D 222 26.44 -8.45 33.44
N PRO D 223 25.11 -8.62 33.43
CA PRO D 223 24.43 -8.76 32.13
C PRO D 223 24.69 -7.50 31.32
N GLN D 224 24.78 -7.61 30.00
CA GLN D 224 25.15 -6.46 29.19
C GLN D 224 24.18 -5.28 29.35
N GLU D 225 22.88 -5.56 29.47
CA GLU D 225 21.92 -4.47 29.60
C GLU D 225 22.09 -3.71 30.92
N PHE D 226 22.70 -4.34 31.93
CA PHE D 226 23.03 -3.61 33.15
C PHE D 226 24.12 -2.57 32.85
N VAL D 227 25.11 -2.97 32.06
CA VAL D 227 26.17 -2.05 31.64
C VAL D 227 25.59 -0.84 30.90
N SER D 228 24.76 -1.08 29.90
CA SER D 228 24.20 0.04 29.15
C SER D 228 23.30 0.90 30.02
N HIS D 229 22.58 0.26 30.94
CA HIS D 229 21.74 0.99 31.88
C HIS D 229 22.57 1.97 32.71
N PHE D 230 23.69 1.50 33.26
CA PHE D 230 24.54 2.36 34.10
C PHE D 230 25.15 3.49 33.28
N VAL D 231 25.65 3.19 32.09
CA VAL D 231 26.19 4.23 31.20
C VAL D 231 25.16 5.29 30.83
N GLU D 232 23.95 4.83 30.50
CA GLU D 232 22.87 5.70 30.06
C GLU D 232 22.41 6.60 31.20
N GLN D 233 22.32 6.03 32.40
CA GLN D 233 21.74 6.73 33.55
C GLN D 233 22.68 7.72 34.23
N GLN D 234 23.98 7.40 34.27
CA GLN D 234 24.97 8.21 35.00
C GLN D 234 24.43 8.56 36.39
N ALA D 235 23.95 7.55 37.10
CA ALA D 235 23.29 7.78 38.38
C ALA D 235 24.29 8.06 39.50
N PRO D 236 23.94 8.98 40.39
CA PRO D 236 24.80 9.18 41.56
C PRO D 236 24.71 7.98 42.50
N VAL D 237 25.84 7.58 43.06
CA VAL D 237 25.88 6.48 44.00
C VAL D 237 25.63 7.05 45.38
N ARG D 238 24.56 6.61 46.03
CA ARG D 238 24.13 7.23 47.28
C ARG D 238 24.32 6.35 48.51
N GLY D 239 25.05 5.27 48.36
CA GLY D 239 25.29 4.36 49.47
C GLY D 239 26.42 3.42 49.14
N GLU D 240 26.78 2.58 50.10
CA GLU D 240 27.89 1.65 49.93
C GLU D 240 27.52 0.44 49.07
N ALA D 241 26.22 0.13 49.01
CA ALA D 241 25.76 -0.93 48.11
C ALA D 241 24.29 -0.71 47.79
N ALA D 242 23.85 -1.25 46.65
CA ALA D 242 22.44 -1.14 46.31
C ALA D 242 21.79 -2.49 46.57
N LEU D 243 20.80 -2.50 47.47
CA LEU D 243 20.07 -3.73 47.76
C LEU D 243 19.05 -3.96 46.65
N LEU D 244 19.12 -5.12 46.00
CA LEU D 244 18.16 -5.47 44.96
C LEU D 244 17.28 -6.63 45.42
N HIS D 245 16.05 -6.63 44.94
CA HIS D 245 15.19 -7.81 45.07
C HIS D 245 15.07 -8.47 43.71
N TYR D 246 15.03 -9.80 43.69
CA TYR D 246 14.81 -10.55 42.45
C TYR D 246 13.36 -11.03 42.50
N VAL D 247 12.53 -10.50 41.61
CA VAL D 247 11.08 -10.64 41.74
C VAL D 247 10.50 -11.52 40.63
N ASP D 248 9.57 -12.39 41.00
CA ASP D 248 8.84 -13.17 40.01
C ASP D 248 7.86 -12.22 39.28
N PRO D 249 8.02 -12.06 37.95
CA PRO D 249 7.23 -11.03 37.27
C PRO D 249 5.79 -11.46 37.05
N ASP D 250 5.47 -12.72 37.32
CA ASP D 250 4.12 -13.24 37.18
C ASP D 250 3.32 -13.25 38.49
N THR D 251 3.97 -13.62 39.58
CA THR D 251 3.31 -13.66 40.89
C THR D 251 3.63 -12.41 41.69
N HIS D 252 4.66 -11.69 41.27
CA HIS D 252 5.13 -10.47 41.94
C HIS D 252 5.74 -10.72 43.32
N ARG D 253 6.10 -11.96 43.60
CA ARG D 253 6.71 -12.30 44.88
C ARG D 253 8.21 -12.06 44.87
N ASN D 254 8.75 -11.62 46.00
CA ASN D 254 10.20 -11.41 46.14
C ASN D 254 10.89 -12.76 46.35
N LEU D 255 11.79 -13.12 45.44
CA LEU D 255 12.43 -14.44 45.51
C LEU D 255 13.80 -14.44 46.17
N GLY D 256 14.39 -13.28 46.38
CA GLY D 256 15.72 -13.24 46.97
C GLY D 256 16.37 -11.86 46.97
N GLU D 257 17.29 -11.66 47.92
CA GLU D 257 18.04 -10.42 48.11
C GLU D 257 19.44 -10.49 47.52
N PHE D 258 19.86 -9.41 46.86
CA PHE D 258 21.19 -9.31 46.27
C PHE D 258 21.78 -7.92 46.58
N LYS D 259 23.10 -7.81 46.60
CA LYS D 259 23.72 -6.50 46.73
C LYS D 259 24.46 -6.15 45.46
N LEU D 260 24.24 -4.95 44.96
CA LEU D 260 24.96 -4.45 43.78
C LEU D 260 25.96 -3.40 44.26
N TYR D 261 27.25 -3.68 44.04
CA TYR D 261 28.30 -2.81 44.57
C TYR D 261 28.72 -1.75 43.56
N PRO D 262 29.14 -0.58 44.06
CA PRO D 262 29.53 0.54 43.20
C PRO D 262 30.56 0.17 42.14
N ASP D 263 31.48 -0.74 42.44
CA ASP D 263 32.50 -1.13 41.47
C ASP D 263 31.89 -1.95 40.32
N GLY D 264 30.63 -2.35 40.46
CA GLY D 264 29.92 -2.96 39.35
C GLY D 264 29.94 -4.48 39.34
N PHE D 265 29.48 -5.07 40.43
CA PHE D 265 29.27 -6.52 40.51
C PHE D 265 28.19 -6.79 41.53
N ILE D 266 27.68 -8.02 41.53
CA ILE D 266 26.54 -8.39 42.35
C ILE D 266 26.87 -9.57 43.24
N THR D 267 26.40 -9.54 44.49
CA THR D 267 26.60 -10.67 45.38
C THR D 267 25.29 -11.15 45.99
N CYS D 268 25.35 -12.34 46.56
CA CYS D 268 24.28 -12.86 47.40
C CYS D 268 24.93 -13.63 48.53
N VAL D 269 24.12 -14.10 49.47
CA VAL D 269 24.60 -15.11 50.41
C VAL D 269 23.94 -16.41 50.01
N PRO D 270 24.71 -17.34 49.44
CA PRO D 270 24.09 -18.59 48.98
C PRO D 270 23.85 -19.54 50.13
N ASN D 271 22.67 -20.15 50.20
CA ASN D 271 22.47 -21.21 51.18
C ASN D 271 23.46 -22.33 50.91
N THR D 272 23.96 -22.95 51.97
CA THR D 272 24.92 -24.05 51.81
C THR D 272 24.33 -25.18 50.98
N GLY D 273 25.09 -25.61 49.97
CA GLY D 273 24.66 -26.67 49.09
C GLY D 273 23.73 -26.18 48.00
N GLY D 274 23.51 -24.87 47.98
CA GLY D 274 22.64 -24.24 46.99
C GLY D 274 23.15 -22.89 46.54
N GLY D 275 22.22 -21.98 46.29
CA GLY D 275 22.57 -20.66 45.80
C GLY D 275 21.63 -20.23 44.70
N PRO D 276 21.99 -19.14 44.00
CA PRO D 276 21.10 -18.51 43.02
C PRO D 276 20.87 -19.41 41.81
N GLN D 277 21.70 -20.45 41.64
CA GLN D 277 21.47 -21.45 40.60
C GLN D 277 20.18 -22.23 40.82
N ASN D 278 19.63 -22.13 42.02
CA ASN D 278 18.36 -22.80 42.33
C ASN D 278 17.12 -21.92 42.19
N LEU D 279 17.32 -20.65 41.83
CA LEU D 279 16.22 -19.73 41.59
C LEU D 279 15.72 -19.87 40.16
N PRO D 280 14.45 -19.56 39.91
CA PRO D 280 14.01 -19.54 38.52
C PRO D 280 14.74 -18.46 37.74
N THR D 281 14.82 -18.64 36.42
CA THR D 281 15.64 -17.76 35.60
C THR D 281 14.82 -16.71 34.86
N ASN D 282 13.59 -16.49 35.29
CA ASN D 282 12.72 -15.50 34.64
C ASN D 282 12.37 -14.34 35.57
N GLY D 283 13.13 -14.20 36.65
CA GLY D 283 12.88 -13.13 37.61
C GLY D 283 13.46 -11.80 37.15
N VAL D 284 13.00 -10.72 37.76
CA VAL D 284 13.46 -9.38 37.41
C VAL D 284 14.15 -8.73 38.61
N PHE D 285 15.36 -8.20 38.41
CA PHE D 285 16.01 -7.46 39.50
C PHE D 285 15.38 -6.09 39.63
N VAL D 286 15.14 -5.67 40.87
CA VAL D 286 14.51 -4.37 41.15
C VAL D 286 15.27 -3.69 42.28
N PHE D 287 15.69 -2.44 42.06
CA PHE D 287 16.32 -1.68 43.14
C PHE D 287 15.37 -1.48 44.30
N SER D 288 15.83 -1.76 45.51
CA SER D 288 14.98 -1.60 46.69
C SER D 288 15.43 -0.43 47.56
N SER D 289 16.70 -0.43 47.97
CA SER D 289 17.24 0.67 48.78
C SER D 289 18.77 0.69 48.81
N TRP D 290 19.33 1.82 49.19
CA TRP D 290 20.76 1.90 49.46
C TRP D 290 21.07 1.34 50.85
N VAL D 291 22.12 0.52 50.94
CA VAL D 291 22.50 -0.07 52.23
C VAL D 291 24.00 0.06 52.49
N SER D 292 24.38 -0.15 53.75
CA SER D 292 25.79 -0.11 54.17
C SER D 292 26.53 -1.32 53.61
N ARG D 293 27.86 -1.23 53.61
CA ARG D 293 28.69 -2.27 53.01
C ARG D 293 28.53 -3.63 53.69
N TYR D 294 28.23 -3.61 54.98
CA TYR D 294 28.12 -4.85 55.73
C TYR D 294 26.67 -5.22 56.05
N TYR D 295 25.74 -4.63 55.31
CA TYR D 295 24.33 -5.01 55.39
C TYR D 295 24.24 -6.52 55.17
N GLN D 296 23.66 -7.22 56.14
CA GLN D 296 23.48 -8.66 56.02
C GLN D 296 22.37 -8.96 55.03
N LEU D 297 22.63 -9.93 54.15
CA LEU D 297 21.59 -10.45 53.25
C LEU D 297 20.94 -11.72 53.76
N LYS D 298 19.66 -11.87 53.42
CA LYS D 298 18.96 -13.14 53.62
C LYS D 298 19.48 -14.13 52.61
N PRO D 299 19.86 -15.33 53.06
CA PRO D 299 20.39 -16.32 52.11
C PRO D 299 19.38 -16.74 51.04
N VAL D 300 19.91 -17.07 49.86
CA VAL D 300 19.08 -17.47 48.72
C VAL D 300 19.39 -18.90 48.27
N GLY D 301 18.37 -19.55 47.70
CA GLY D 301 18.55 -20.80 46.98
C GLY D 301 18.87 -22.02 47.83
#